data_7A9D
#
_entry.id   7A9D
#
_cell.length_a   104.511
_cell.length_b   104.511
_cell.length_c   694.830
_cell.angle_alpha   90.000
_cell.angle_beta   90.000
_cell.angle_gamma   120.000
#
_symmetry.space_group_name_H-M   'H 3 2'
#
loop_
_entity.id
_entity.type
_entity.pdbx_description
1 polymer Hemagglutinin
2 polymer Hemagglutinin
3 branched 2-acetamido-2-deoxy-beta-D-glucopyranose-(1-4)-2-acetamido-2-deoxy-beta-D-glucopyranose
4 non-polymer 2-acetamido-2-deoxy-beta-D-glucopyranose
#
loop_
_entity_poly.entity_id
_entity_poly.type
_entity_poly.pdbx_seq_one_letter_code
_entity_poly.pdbx_strand_id
1 'polypeptide(L)'
;DPDKICIGYQTNNSTETVNTLSEQNVPVTQVEELVHGGIDPILCGTELGSPLVLDDCSLEGLILGNPKCDLYLNGREWSY
IVERPKEMEGVCYPGSIENQEELRSLFSSIKKYERVKMFDFTKWNVTYTGTSKACNNTSNQGSFYRSMRWLTLKSGQFPV
QTDEYKNTRDSDIVFTWAIHHPPTSDEQVKLYKNPDTLSSVTTDEINRSFKPNIGPRPLVRGQQGRMDYYWAVLKPGQTV
KIQTNGNLIAPEYGHLITGKSHGRILKNNLPMGQCVTECQLNEGVMNTSKPFQNTSKHYIGKCPKYIPSGSLKLAIGLRN
VPQ
;
A,C
2 'polypeptide(L)'
;GLFGAIAGFIEGGWPGLVAGWYGFQHQNAEGTGIAADRDSTQRAIDNMQNKLNNVIDKMNKQFEVVNHEFSEVESRINMI
NSKIDDQITDIWAYNAELLVLLENQKTLDEHDANVRNLHDRVRRVLRENAIDTGDGCFEILHKCDNNCMDTIRNGTYNHK
EYEEESK
;
B,D
#
# COMPACT_ATOMS: atom_id res chain seq x y z
N PRO A 2 -67.10 -15.26 -23.31
CA PRO A 2 -66.53 -16.63 -23.24
C PRO A 2 -65.23 -16.70 -22.42
N ASP A 3 -65.14 -17.66 -21.49
CA ASP A 3 -63.96 -17.88 -20.61
C ASP A 3 -62.80 -18.44 -21.46
N LYS A 4 -61.59 -17.90 -21.25
CA LYS A 4 -60.35 -18.33 -21.95
C LYS A 4 -59.20 -18.44 -20.96
N ILE A 5 -58.20 -19.26 -21.28
CA ILE A 5 -56.90 -19.37 -20.55
C ILE A 5 -55.76 -19.32 -21.58
N CYS A 6 -54.65 -18.66 -21.24
CA CYS A 6 -53.47 -18.44 -22.13
C CYS A 6 -52.17 -18.69 -21.36
N ILE A 7 -51.14 -19.15 -22.07
CA ILE A 7 -49.75 -19.32 -21.56
C ILE A 7 -48.87 -18.23 -22.19
N GLY A 8 -48.04 -17.57 -21.39
CA GLY A 8 -47.15 -16.48 -21.81
C GLY A 8 -45.87 -16.46 -21.00
N TYR A 9 -44.92 -15.59 -21.38
CA TYR A 9 -43.56 -15.49 -20.78
C TYR A 9 -43.27 -14.05 -20.35
N GLN A 10 -42.18 -13.86 -19.60
CA GLN A 10 -41.78 -12.58 -18.95
C GLN A 10 -41.14 -11.63 -19.97
N THR A 11 -41.26 -10.32 -19.73
CA THR A 11 -40.47 -9.24 -20.37
C THR A 11 -40.29 -8.12 -19.33
N ASN A 12 -39.16 -7.40 -19.39
CA ASN A 12 -38.82 -6.27 -18.48
C ASN A 12 -38.05 -5.21 -19.26
N ASN A 13 -37.82 -4.04 -18.65
CA ASN A 13 -37.05 -2.92 -19.23
C ASN A 13 -35.57 -3.10 -18.88
N SER A 14 -35.00 -4.24 -19.27
CA SER A 14 -33.55 -4.56 -19.21
C SER A 14 -32.94 -4.29 -20.59
N THR A 15 -31.84 -3.53 -20.65
CA THR A 15 -31.12 -3.14 -21.88
C THR A 15 -29.91 -4.03 -22.10
N GLU A 16 -29.80 -5.12 -21.33
CA GLU A 16 -28.68 -6.10 -21.39
C GLU A 16 -28.85 -6.99 -22.63
N THR A 17 -27.79 -7.13 -23.44
CA THR A 17 -27.73 -8.00 -24.65
C THR A 17 -26.61 -9.03 -24.50
N VAL A 18 -26.78 -10.20 -25.12
CA VAL A 18 -25.77 -11.30 -25.17
C VAL A 18 -25.54 -11.67 -26.64
N ASN A 19 -24.34 -12.15 -26.97
CA ASN A 19 -23.97 -12.66 -28.31
C ASN A 19 -24.16 -14.18 -28.33
N THR A 20 -24.57 -14.73 -29.49
CA THR A 20 -24.57 -16.18 -29.80
C THR A 20 -23.73 -16.39 -31.06
N LEU A 21 -23.57 -17.64 -31.50
CA LEU A 21 -22.77 -18.00 -32.70
C LEU A 21 -23.52 -17.56 -33.97
N SER A 22 -24.86 -17.52 -33.91
CA SER A 22 -25.76 -17.28 -35.07
C SER A 22 -26.27 -15.83 -35.11
N GLU A 23 -26.18 -15.07 -34.01
CA GLU A 23 -26.76 -13.71 -33.91
C GLU A 23 -25.95 -12.84 -32.95
N GLN A 24 -25.87 -11.53 -33.25
CA GLN A 24 -25.12 -10.50 -32.49
C GLN A 24 -26.10 -9.65 -31.69
N ASN A 25 -25.82 -9.41 -30.42
CA ASN A 25 -26.57 -8.49 -29.51
C ASN A 25 -28.04 -8.90 -29.45
N VAL A 26 -28.33 -9.99 -28.73
CA VAL A 26 -29.70 -10.54 -28.50
C VAL A 26 -30.20 -10.04 -27.15
N PRO A 27 -31.28 -9.22 -27.11
CA PRO A 27 -31.85 -8.77 -25.83
C PRO A 27 -32.32 -9.95 -24.97
N VAL A 28 -32.02 -9.92 -23.67
CA VAL A 28 -32.40 -10.97 -22.68
C VAL A 28 -32.84 -10.29 -21.37
N THR A 29 -33.52 -11.04 -20.50
CA THR A 29 -34.14 -10.54 -19.25
C THR A 29 -33.09 -10.45 -18.14
N GLN A 30 -32.40 -11.56 -17.83
CA GLN A 30 -31.35 -11.67 -16.78
C GLN A 30 -30.01 -12.06 -17.44
N VAL A 31 -28.90 -11.49 -16.96
CA VAL A 31 -27.52 -11.78 -17.44
C VAL A 31 -26.57 -11.88 -16.24
N GLU A 32 -25.40 -12.49 -16.46
CA GLU A 32 -24.29 -12.61 -15.48
C GLU A 32 -22.98 -12.19 -16.17
N GLU A 33 -22.30 -11.17 -15.63
CA GLU A 33 -20.95 -10.73 -16.09
C GLU A 33 -19.93 -11.72 -15.53
N LEU A 34 -19.05 -12.25 -16.39
CA LEU A 34 -18.07 -13.30 -16.05
C LEU A 34 -16.66 -12.69 -15.90
N VAL A 35 -16.45 -11.44 -16.33
CA VAL A 35 -15.12 -10.75 -16.34
C VAL A 35 -15.14 -9.60 -15.33
N HIS A 36 -14.33 -9.71 -14.26
CA HIS A 36 -14.00 -8.62 -13.31
C HIS A 36 -12.99 -7.67 -13.99
N GLY A 37 -13.36 -6.40 -14.15
CA GLY A 37 -12.63 -5.42 -14.97
C GLY A 37 -11.66 -4.56 -14.16
N GLY A 38 -11.85 -4.46 -12.85
CA GLY A 38 -11.14 -3.52 -11.97
C GLY A 38 -10.01 -4.17 -11.17
N ILE A 39 -9.13 -3.35 -10.61
CA ILE A 39 -8.09 -3.73 -9.61
C ILE A 39 -7.98 -2.61 -8.56
N ASP A 40 -7.53 -2.94 -7.35
CA ASP A 40 -7.16 -1.97 -6.29
C ASP A 40 -5.64 -1.85 -6.27
N PRO A 41 -5.07 -0.71 -6.74
CA PRO A 41 -3.63 -0.62 -7.00
C PRO A 41 -2.83 -0.49 -5.69
N ILE A 42 -2.72 -1.59 -4.94
CA ILE A 42 -2.11 -1.64 -3.57
C ILE A 42 -1.38 -2.98 -3.41
N LEU A 43 -0.30 -3.00 -2.62
CA LEU A 43 0.46 -4.22 -2.23
C LEU A 43 -0.03 -4.68 -0.86
N CYS A 44 -0.63 -5.87 -0.80
CA CYS A 44 -1.11 -6.52 0.44
C CYS A 44 -0.29 -7.77 0.74
N GLY A 45 -0.31 -8.24 1.99
CA GLY A 45 0.34 -9.49 2.43
C GLY A 45 -0.54 -10.70 2.16
N THR A 46 0.07 -11.87 1.93
CA THR A 46 -0.63 -13.15 1.66
C THR A 46 -0.64 -14.00 2.94
N GLU A 47 -0.99 -15.28 2.82
CA GLU A 47 -1.10 -16.24 3.97
C GLU A 47 0.29 -16.66 4.46
N LEU A 48 1.34 -16.47 3.64
CA LEU A 48 2.75 -16.78 4.02
C LEU A 48 3.33 -15.62 4.85
N GLY A 49 2.72 -14.43 4.78
CA GLY A 49 3.13 -13.24 5.56
C GLY A 49 3.19 -11.99 4.71
N SER A 50 3.92 -10.96 5.17
CA SER A 50 4.12 -9.67 4.46
C SER A 50 5.31 -9.78 3.51
N PRO A 51 5.31 -9.02 2.39
CA PRO A 51 6.43 -9.04 1.45
C PRO A 51 7.61 -8.16 1.90
N LEU A 52 8.77 -8.31 1.26
CA LEU A 52 9.97 -7.46 1.43
C LEU A 52 10.03 -6.45 0.29
N VAL A 53 9.64 -5.20 0.56
CA VAL A 53 9.65 -4.07 -0.41
C VAL A 53 11.05 -3.45 -0.41
N LEU A 54 11.63 -3.23 -1.59
CA LEU A 54 13.00 -2.68 -1.77
C LEU A 54 12.93 -1.43 -2.65
N ASP A 55 13.33 -0.27 -2.10
CA ASP A 55 13.33 1.04 -2.80
C ASP A 55 14.71 1.70 -2.74
N ASP A 56 15.66 1.13 -1.98
CA ASP A 56 17.02 1.69 -1.77
C ASP A 56 18.08 0.72 -2.33
N CYS A 57 17.95 -0.58 -2.03
CA CYS A 57 18.93 -1.65 -2.38
C CYS A 57 18.28 -2.69 -3.30
N SER A 58 19.00 -3.17 -4.31
CA SER A 58 18.63 -4.35 -5.14
C SER A 58 18.95 -5.62 -4.35
N LEU A 59 18.57 -6.79 -4.88
CA LEU A 59 18.67 -8.10 -4.17
C LEU A 59 20.13 -8.57 -4.15
N GLU A 60 20.87 -8.38 -5.25
CA GLU A 60 22.29 -8.83 -5.38
C GLU A 60 23.20 -7.97 -4.48
N GLY A 61 22.76 -6.75 -4.13
CA GLY A 61 23.48 -5.86 -3.19
C GLY A 61 23.24 -6.25 -1.74
N LEU A 62 22.05 -6.77 -1.45
CA LEU A 62 21.62 -7.27 -0.11
C LEU A 62 22.33 -8.59 0.20
N ILE A 63 22.64 -9.38 -0.84
CA ILE A 63 23.36 -10.69 -0.73
C ILE A 63 24.86 -10.40 -0.50
N LEU A 64 25.46 -9.58 -1.36
CA LEU A 64 26.90 -9.18 -1.31
C LEU A 64 27.18 -8.38 -0.03
N GLY A 65 26.17 -7.73 0.54
CA GLY A 65 26.28 -6.92 1.77
C GLY A 65 26.89 -5.55 1.49
N ASN A 66 26.36 -4.85 0.48
CA ASN A 66 26.78 -3.48 0.08
C ASN A 66 26.71 -2.58 1.31
N PRO A 67 27.73 -1.72 1.56
CA PRO A 67 27.78 -0.93 2.80
C PRO A 67 26.69 0.13 2.97
N LYS A 68 25.90 0.40 1.93
CA LYS A 68 24.71 1.31 1.97
C LYS A 68 23.45 0.50 2.29
N CYS A 69 23.58 -0.83 2.47
CA CYS A 69 22.47 -1.77 2.77
C CYS A 69 22.71 -2.45 4.13
N ASP A 70 23.08 -1.67 5.15
CA ASP A 70 23.42 -2.15 6.51
C ASP A 70 22.12 -2.41 7.31
N LEU A 71 20.97 -1.95 6.81
CA LEU A 71 19.64 -2.10 7.45
C LEU A 71 19.25 -3.59 7.50
N TYR A 72 19.70 -4.38 6.52
CA TYR A 72 19.24 -5.77 6.26
C TYR A 72 20.27 -6.80 6.75
N LEU A 73 21.22 -6.40 7.61
CA LEU A 73 22.25 -7.32 8.18
C LEU A 73 21.62 -8.24 9.23
N ASN A 74 20.59 -7.75 9.94
CA ASN A 74 19.88 -8.49 11.01
C ASN A 74 19.12 -9.69 10.42
N GLY A 75 18.74 -9.61 9.13
CA GLY A 75 18.05 -10.69 8.40
C GLY A 75 16.55 -10.41 8.25
N ARG A 76 15.94 -10.95 7.19
CA ARG A 76 14.51 -10.75 6.84
C ARG A 76 13.87 -12.06 6.37
N GLU A 77 12.56 -12.19 6.56
CA GLU A 77 11.70 -13.23 5.92
C GLU A 77 10.53 -12.53 5.22
N TRP A 78 9.98 -13.16 4.18
CA TRP A 78 8.95 -12.56 3.29
C TRP A 78 8.01 -13.62 2.72
N SER A 79 6.87 -13.18 2.19
CA SER A 79 5.94 -13.97 1.34
C SER A 79 6.39 -13.87 -0.13
N TYR A 80 6.67 -12.65 -0.58
CA TYR A 80 7.25 -12.33 -1.92
C TYR A 80 8.13 -11.09 -1.81
N ILE A 81 8.90 -10.79 -2.86
CA ILE A 81 9.83 -9.62 -2.92
C ILE A 81 9.32 -8.63 -3.97
N VAL A 82 9.38 -7.33 -3.66
CA VAL A 82 9.10 -6.22 -4.62
C VAL A 82 10.39 -5.40 -4.79
N GLU A 83 10.72 -5.04 -6.03
CA GLU A 83 11.83 -4.13 -6.41
C GLU A 83 11.26 -2.92 -7.14
N ARG A 84 11.56 -1.71 -6.67
CA ARG A 84 11.17 -0.44 -7.36
C ARG A 84 11.91 -0.36 -8.70
N PRO A 85 11.21 -0.08 -9.81
CA PRO A 85 11.85 0.05 -11.12
C PRO A 85 12.55 1.41 -11.25
N LYS A 86 13.75 1.52 -10.68
CA LYS A 86 14.60 2.75 -10.69
C LYS A 86 16.06 2.34 -10.46
N GLU A 87 16.94 3.33 -10.28
CA GLU A 87 18.40 3.14 -10.06
C GLU A 87 18.62 2.63 -8.63
N MET A 88 18.97 1.34 -8.47
CA MET A 88 19.10 0.64 -7.17
C MET A 88 20.58 0.30 -6.92
N GLU A 89 21.01 0.29 -5.66
CA GLU A 89 22.41 0.06 -5.25
C GLU A 89 22.63 -1.43 -5.00
N GLY A 90 23.38 -2.09 -5.89
CA GLY A 90 23.69 -3.53 -5.84
C GLY A 90 25.19 -3.77 -5.67
N VAL A 91 25.89 -4.03 -6.78
CA VAL A 91 27.36 -4.27 -6.83
C VAL A 91 28.04 -2.89 -6.89
N CYS A 92 28.83 -2.54 -5.88
CA CYS A 92 29.49 -1.21 -5.76
C CYS A 92 30.77 -1.19 -6.62
N TYR A 93 31.65 -2.18 -6.47
CA TYR A 93 32.93 -2.28 -7.24
C TYR A 93 32.64 -2.85 -8.63
N PRO A 94 33.14 -2.23 -9.72
CA PRO A 94 32.86 -2.69 -11.08
C PRO A 94 33.18 -4.18 -11.32
N GLY A 95 32.28 -4.89 -12.01
CA GLY A 95 32.38 -6.33 -12.29
C GLY A 95 31.03 -6.98 -12.52
N SER A 96 31.04 -8.23 -13.01
CA SER A 96 29.83 -9.05 -13.32
C SER A 96 29.71 -10.19 -12.31
N ILE A 97 28.47 -10.57 -11.98
CA ILE A 97 28.14 -11.80 -11.19
C ILE A 97 27.84 -12.93 -12.18
N GLU A 98 28.59 -14.03 -12.11
CA GLU A 98 28.37 -15.26 -12.91
C GLU A 98 27.08 -15.93 -12.43
N ASN A 99 26.19 -16.30 -13.35
CA ASN A 99 24.87 -16.93 -13.06
C ASN A 99 24.06 -16.01 -12.13
N GLN A 100 23.97 -14.72 -12.46
CA GLN A 100 23.27 -13.68 -11.65
C GLN A 100 21.77 -14.00 -11.60
N GLU A 101 21.18 -14.37 -12.74
CA GLU A 101 19.71 -14.63 -12.88
C GLU A 101 19.31 -15.81 -12.00
N GLU A 102 20.20 -16.81 -11.89
CA GLU A 102 20.01 -18.04 -11.06
C GLU A 102 20.11 -17.68 -9.57
N LEU A 103 21.13 -16.91 -9.18
CA LEU A 103 21.36 -16.46 -7.78
C LEU A 103 20.12 -15.75 -7.24
N ARG A 104 19.61 -14.77 -7.99
CA ARG A 104 18.40 -13.97 -7.65
C ARG A 104 17.18 -14.90 -7.56
N SER A 105 17.08 -15.89 -8.45
CA SER A 105 15.99 -16.90 -8.51
C SER A 105 16.02 -17.78 -7.26
N LEU A 106 17.20 -18.32 -6.93
CA LEU A 106 17.44 -19.19 -5.74
C LEU A 106 17.08 -18.43 -4.45
N PHE A 107 17.56 -17.19 -4.32
CA PHE A 107 17.46 -16.38 -3.08
C PHE A 107 16.00 -15.93 -2.84
N SER A 108 15.24 -15.68 -3.92
CA SER A 108 13.81 -15.26 -3.84
C SER A 108 12.93 -16.47 -3.51
N SER A 109 13.36 -17.68 -3.91
CA SER A 109 12.63 -18.97 -3.72
C SER A 109 12.49 -19.28 -2.22
N ILE A 110 13.50 -18.95 -1.42
CA ILE A 110 13.58 -19.27 0.04
C ILE A 110 12.79 -18.20 0.82
N LYS A 111 12.25 -18.58 1.98
CA LYS A 111 11.41 -17.72 2.86
C LYS A 111 12.31 -16.79 3.68
N LYS A 112 13.18 -17.36 4.52
CA LYS A 112 13.97 -16.65 5.55
C LYS A 112 15.47 -16.78 5.25
N TYR A 113 16.26 -15.76 5.63
CA TYR A 113 17.75 -15.77 5.61
C TYR A 113 18.27 -15.04 6.85
N GLU A 114 19.40 -15.53 7.40
CA GLU A 114 20.15 -14.89 8.51
C GLU A 114 21.65 -15.12 8.29
N ARG A 115 22.48 -14.13 8.64
CA ARG A 115 23.95 -14.16 8.43
C ARG A 115 24.60 -15.12 9.43
N VAL A 116 25.73 -15.71 9.04
CA VAL A 116 26.54 -16.65 9.89
C VAL A 116 28.02 -16.43 9.54
N LYS A 117 28.88 -16.27 10.55
CA LYS A 117 30.34 -16.07 10.36
C LYS A 117 31.00 -17.41 10.03
N MET A 118 31.63 -17.49 8.86
CA MET A 118 32.27 -18.74 8.32
C MET A 118 33.77 -18.72 8.64
N PHE A 119 34.46 -17.62 8.34
CA PHE A 119 35.94 -17.50 8.41
C PHE A 119 36.33 -16.37 9.39
N ASP A 120 37.23 -16.68 10.33
CA ASP A 120 37.81 -15.74 11.32
C ASP A 120 39.17 -15.27 10.82
N PHE A 121 39.29 -13.98 10.45
CA PHE A 121 40.49 -13.36 9.82
C PHE A 121 41.45 -12.81 10.86
N THR A 122 41.15 -12.98 12.16
CA THR A 122 42.02 -12.60 13.30
C THR A 122 43.30 -13.45 13.27
N LYS A 123 43.18 -14.74 12.97
CA LYS A 123 44.29 -15.73 12.98
C LYS A 123 45.11 -15.65 11.68
N TRP A 124 44.48 -15.21 10.58
CA TRP A 124 45.12 -15.04 9.25
C TRP A 124 46.31 -14.07 9.37
N ASN A 125 47.39 -14.34 8.61
CA ASN A 125 48.70 -13.62 8.73
C ASN A 125 48.82 -12.59 7.59
N VAL A 126 47.69 -12.02 7.15
CA VAL A 126 47.62 -10.96 6.10
C VAL A 126 46.59 -9.90 6.53
N THR A 127 46.70 -8.69 5.99
CA THR A 127 45.80 -7.53 6.29
C THR A 127 44.47 -7.72 5.53
N TYR A 128 43.35 -7.50 6.22
CA TYR A 128 41.97 -7.75 5.73
C TYR A 128 41.08 -6.52 5.92
N THR A 129 41.67 -5.34 6.10
CA THR A 129 40.97 -4.08 6.48
C THR A 129 40.85 -3.15 5.27
N GLY A 130 40.97 -3.68 4.05
CA GLY A 130 40.94 -2.91 2.78
C GLY A 130 39.58 -2.28 2.53
N THR A 131 39.57 -1.07 1.96
CA THR A 131 38.37 -0.29 1.57
C THR A 131 38.58 0.32 0.19
N SER A 132 37.54 0.92 -0.40
CA SER A 132 37.56 1.53 -1.76
C SER A 132 36.56 2.68 -1.84
N LYS A 133 36.89 3.71 -2.64
CA LYS A 133 36.04 4.89 -2.90
C LYS A 133 34.84 4.48 -3.76
N ALA A 134 34.96 3.40 -4.54
CA ALA A 134 33.88 2.80 -5.36
C ALA A 134 32.75 2.31 -4.46
N CYS A 135 33.10 1.71 -3.31
CA CYS A 135 32.16 1.14 -2.31
C CYS A 135 32.05 2.07 -1.09
N ASN A 136 31.51 3.27 -1.31
CA ASN A 136 31.22 4.27 -0.26
C ASN A 136 30.10 3.77 0.65
N ASN A 137 30.15 4.07 1.95
CA ASN A 137 29.04 3.86 2.92
C ASN A 137 28.10 5.07 2.83
N THR A 138 27.02 5.09 3.63
CA THR A 138 25.95 6.12 3.61
C THR A 138 26.52 7.51 3.92
N SER A 139 27.60 7.58 4.70
CA SER A 139 28.31 8.84 5.09
C SER A 139 29.37 9.22 4.05
N ASN A 140 29.43 8.51 2.93
CA ASN A 140 30.36 8.76 1.79
C ASN A 140 31.81 8.52 2.24
N GLN A 141 32.02 7.66 3.24
CA GLN A 141 33.36 7.20 3.69
C GLN A 141 33.74 5.97 2.87
N GLY A 142 35.02 5.85 2.48
CA GLY A 142 35.58 4.68 1.80
C GLY A 142 35.44 3.42 2.65
N SER A 143 34.56 2.50 2.23
CA SER A 143 34.23 1.24 2.96
C SER A 143 34.38 0.04 2.01
N PHE A 144 33.74 -1.09 2.33
CA PHE A 144 33.74 -2.34 1.53
C PHE A 144 32.53 -3.21 1.92
N TYR A 145 32.28 -4.29 1.16
CA TYR A 145 31.24 -5.31 1.42
C TYR A 145 31.40 -5.86 2.84
N ARG A 146 30.29 -6.15 3.51
CA ARG A 146 30.25 -6.63 4.93
C ARG A 146 30.47 -8.15 4.98
N SER A 147 30.14 -8.86 3.90
CA SER A 147 30.13 -10.36 3.85
C SER A 147 31.45 -10.88 3.25
N MET A 148 32.31 -10.01 2.73
CA MET A 148 33.61 -10.39 2.11
C MET A 148 34.71 -9.41 2.55
N ARG A 149 35.96 -9.88 2.57
CA ARG A 149 37.16 -9.09 2.99
C ARG A 149 38.19 -9.07 1.86
N TRP A 150 38.81 -7.91 1.63
CA TRP A 150 39.89 -7.68 0.63
C TRP A 150 41.24 -8.00 1.28
N LEU A 151 41.88 -9.10 0.87
CA LEU A 151 43.17 -9.58 1.44
C LEU A 151 44.34 -8.93 0.69
N THR A 152 45.14 -8.14 1.41
CA THR A 152 46.38 -7.46 0.91
C THR A 152 47.59 -7.96 1.73
N LEU A 153 48.79 -7.49 1.40
CA LEU A 153 50.08 -7.93 2.01
C LEU A 153 50.21 -7.38 3.44
N LYS A 154 51.01 -8.04 4.27
CA LYS A 154 51.27 -7.67 5.69
C LYS A 154 52.78 -7.79 5.97
N SER A 155 53.41 -6.69 6.41
CA SER A 155 54.86 -6.55 6.65
C SER A 155 55.64 -6.91 5.37
N GLY A 156 55.18 -6.40 4.22
CA GLY A 156 55.85 -6.49 2.91
C GLY A 156 55.95 -7.91 2.38
N GLN A 157 55.01 -8.79 2.75
CA GLN A 157 54.95 -10.21 2.30
C GLN A 157 53.49 -10.68 2.20
N PHE A 158 53.23 -11.68 1.36
CA PHE A 158 51.93 -12.39 1.22
C PHE A 158 52.19 -13.89 1.09
N PRO A 159 52.32 -14.64 2.20
CA PRO A 159 52.47 -16.10 2.15
C PRO A 159 51.20 -16.81 1.67
N VAL A 160 51.32 -18.10 1.34
CA VAL A 160 50.19 -18.99 0.92
C VAL A 160 49.31 -19.24 2.15
N GLN A 161 48.12 -18.61 2.19
CA GLN A 161 47.12 -18.76 3.28
C GLN A 161 46.18 -19.93 2.95
N THR A 162 45.54 -20.51 3.98
CA THR A 162 44.55 -21.60 3.85
C THR A 162 43.76 -21.71 5.15
N ASP A 163 42.44 -21.94 5.06
CA ASP A 163 41.53 -22.17 6.23
C ASP A 163 40.30 -22.95 5.76
N GLU A 164 39.63 -23.62 6.71
CA GLU A 164 38.49 -24.54 6.48
C GLU A 164 37.28 -24.05 7.27
N TYR A 165 36.06 -24.27 6.74
CA TYR A 165 34.77 -24.10 7.46
C TYR A 165 33.82 -25.24 7.08
N LYS A 166 33.20 -25.88 8.07
CA LYS A 166 32.21 -26.98 7.91
C LYS A 166 30.82 -26.46 8.32
N ASN A 167 29.79 -26.81 7.54
CA ASN A 167 28.38 -26.45 7.81
C ASN A 167 27.76 -27.52 8.70
N THR A 168 27.36 -27.14 9.92
CA THR A 168 26.69 -28.02 10.92
C THR A 168 25.49 -27.28 11.53
N ARG A 169 24.72 -26.57 10.70
CA ARG A 169 23.56 -25.73 11.11
C ARG A 169 22.24 -26.44 10.75
N ASP A 170 22.30 -27.56 10.01
CA ASP A 170 21.13 -28.35 9.56
C ASP A 170 20.32 -27.53 8.54
N SER A 171 21.00 -26.78 7.67
CA SER A 171 20.40 -25.91 6.62
C SER A 171 21.48 -25.43 5.65
N ASP A 172 21.09 -25.15 4.39
CA ASP A 172 22.00 -24.68 3.31
C ASP A 172 22.57 -23.31 3.67
N ILE A 173 23.77 -22.99 3.18
CA ILE A 173 24.42 -21.64 3.31
C ILE A 173 24.82 -21.17 1.91
N VAL A 174 24.44 -19.95 1.54
CA VAL A 174 24.87 -19.24 0.29
C VAL A 174 25.97 -18.25 0.65
N PHE A 175 27.14 -18.36 0.02
CA PHE A 175 28.31 -17.47 0.21
C PHE A 175 28.82 -17.00 -1.15
N THR A 176 29.46 -15.83 -1.18
CA THR A 176 30.04 -15.18 -2.39
C THR A 176 31.53 -14.86 -2.15
N TRP A 177 32.34 -14.96 -3.19
CA TRP A 177 33.75 -14.47 -3.25
C TRP A 177 33.95 -13.71 -4.56
N ALA A 178 35.18 -13.26 -4.84
CA ALA A 178 35.53 -12.54 -6.08
C ALA A 178 37.05 -12.56 -6.30
N ILE A 179 37.46 -12.35 -7.55
CA ILE A 179 38.87 -12.21 -7.99
C ILE A 179 39.09 -10.79 -8.49
N HIS A 180 40.01 -10.04 -7.87
CA HIS A 180 40.40 -8.67 -8.29
C HIS A 180 41.48 -8.76 -9.39
N HIS A 181 41.32 -7.97 -10.46
CA HIS A 181 42.25 -7.88 -11.61
C HIS A 181 42.85 -6.48 -11.65
N PRO A 182 44.04 -6.26 -11.04
CA PRO A 182 44.68 -4.94 -11.03
C PRO A 182 44.89 -4.36 -12.43
N PRO A 183 44.87 -3.02 -12.60
CA PRO A 183 45.09 -2.39 -13.90
C PRO A 183 46.57 -2.45 -14.33
N THR A 184 47.49 -2.03 -13.45
CA THR A 184 48.94 -1.90 -13.73
C THR A 184 49.71 -3.02 -13.03
N SER A 185 51.02 -3.12 -13.29
CA SER A 185 51.95 -4.11 -12.69
C SER A 185 52.28 -3.72 -11.25
N ASP A 186 52.39 -2.41 -10.98
CA ASP A 186 52.71 -1.85 -9.63
C ASP A 186 51.63 -2.24 -8.62
N GLU A 187 50.35 -2.09 -8.99
CA GLU A 187 49.17 -2.39 -8.12
C GLU A 187 49.25 -3.85 -7.63
N GLN A 188 49.61 -4.77 -8.52
CA GLN A 188 49.75 -6.22 -8.22
C GLN A 188 50.86 -6.44 -7.18
N VAL A 189 51.96 -5.68 -7.28
CA VAL A 189 53.17 -5.81 -6.40
C VAL A 189 52.96 -5.00 -5.11
N LYS A 190 52.19 -3.91 -5.16
CA LYS A 190 51.89 -3.07 -3.96
C LYS A 190 50.89 -3.81 -3.07
N LEU A 191 49.78 -4.29 -3.65
CA LEU A 191 48.64 -4.91 -2.91
C LEU A 191 49.01 -6.31 -2.42
N TYR A 192 49.43 -7.20 -3.33
CA TYR A 192 49.63 -8.66 -3.07
C TYR A 192 51.11 -9.04 -3.10
N LYS A 193 51.95 -8.29 -3.82
CA LYS A 193 53.44 -8.40 -3.82
C LYS A 193 53.91 -9.49 -4.80
N ASN A 194 53.00 -10.30 -5.34
CA ASN A 194 53.32 -11.45 -6.23
C ASN A 194 52.84 -11.15 -7.66
N PRO A 195 53.74 -11.15 -8.67
CA PRO A 195 53.35 -10.87 -10.05
C PRO A 195 52.29 -11.83 -10.61
N ASP A 196 52.37 -13.12 -10.24
CA ASP A 196 51.38 -14.17 -10.60
C ASP A 196 50.96 -14.91 -9.32
N THR A 197 49.64 -15.07 -9.11
CA THR A 197 49.04 -15.68 -7.89
C THR A 197 48.04 -16.77 -8.30
N LEU A 198 47.87 -17.79 -7.45
CA LEU A 198 46.89 -18.90 -7.62
C LEU A 198 45.91 -18.88 -6.46
N SER A 199 44.62 -18.63 -6.75
CA SER A 199 43.48 -18.67 -5.80
C SER A 199 42.53 -19.79 -6.22
N SER A 200 41.89 -20.45 -5.25
CA SER A 200 40.97 -21.60 -5.47
C SER A 200 39.99 -21.77 -4.31
N VAL A 201 38.74 -22.15 -4.63
CA VAL A 201 37.63 -22.43 -3.67
C VAL A 201 37.10 -23.83 -3.98
N THR A 202 37.16 -24.75 -3.01
CA THR A 202 36.84 -26.20 -3.19
C THR A 202 35.89 -26.66 -2.09
N THR A 203 34.93 -27.53 -2.45
CA THR A 203 34.00 -28.25 -1.51
C THR A 203 34.02 -29.74 -1.86
N ASP A 204 33.06 -30.50 -1.32
CA ASP A 204 32.93 -31.96 -1.53
C ASP A 204 32.40 -32.25 -2.94
N GLU A 205 31.82 -31.25 -3.62
CA GLU A 205 31.17 -31.40 -4.96
C GLU A 205 31.89 -30.55 -6.02
N ILE A 206 32.27 -29.31 -5.71
CA ILE A 206 32.87 -28.35 -6.69
C ILE A 206 34.40 -28.25 -6.47
N ASN A 207 35.13 -27.91 -7.53
CA ASN A 207 36.60 -27.74 -7.56
C ASN A 207 36.96 -26.62 -8.55
N ARG A 208 37.18 -25.40 -8.04
CA ARG A 208 37.31 -24.15 -8.83
C ARG A 208 38.63 -23.46 -8.48
N SER A 209 39.38 -23.01 -9.50
CA SER A 209 40.67 -22.27 -9.39
C SER A 209 40.64 -21.05 -10.32
N PHE A 210 41.35 -19.99 -9.95
CA PHE A 210 41.30 -18.66 -10.62
C PHE A 210 42.69 -18.01 -10.66
N LYS A 211 43.00 -17.34 -11.78
CA LYS A 211 44.26 -16.59 -12.02
C LYS A 211 43.92 -15.14 -12.33
N PRO A 212 44.72 -14.16 -11.85
CA PRO A 212 44.58 -12.77 -12.28
C PRO A 212 45.27 -12.54 -13.63
N ASN A 213 45.04 -11.38 -14.25
CA ASN A 213 45.67 -10.97 -15.53
C ASN A 213 45.77 -9.43 -15.56
N ILE A 214 46.99 -8.91 -15.40
CA ILE A 214 47.28 -7.45 -15.24
C ILE A 214 47.04 -6.77 -16.60
N GLY A 215 46.15 -5.76 -16.62
CA GLY A 215 45.76 -5.00 -17.82
C GLY A 215 44.70 -3.97 -17.49
N PRO A 216 44.89 -2.67 -17.85
CA PRO A 216 43.92 -1.63 -17.47
C PRO A 216 42.59 -1.80 -18.22
N ARG A 217 41.50 -1.33 -17.60
CA ARG A 217 40.11 -1.36 -18.17
C ARG A 217 39.61 0.07 -18.30
N PRO A 218 38.54 0.31 -19.10
CA PRO A 218 37.84 1.60 -19.09
C PRO A 218 37.24 1.90 -17.70
N LEU A 219 37.25 3.19 -17.29
CA LEU A 219 36.70 3.65 -15.98
C LEU A 219 35.18 3.38 -15.94
N VAL A 220 34.70 2.80 -14.84
CA VAL A 220 33.25 2.51 -14.59
C VAL A 220 32.76 3.41 -13.45
N ARG A 221 33.36 3.31 -12.27
CA ARG A 221 33.10 4.19 -11.10
C ARG A 221 34.42 4.78 -10.61
N GLY A 222 35.13 5.47 -11.51
CA GLY A 222 36.43 6.12 -11.25
C GLY A 222 37.51 5.11 -10.88
N GLN A 223 37.36 3.85 -11.30
CA GLN A 223 38.27 2.73 -10.95
C GLN A 223 38.76 2.07 -12.25
N GLN A 224 40.08 2.03 -12.46
CA GLN A 224 40.74 1.41 -13.64
C GLN A 224 40.69 -0.12 -13.51
N GLY A 225 40.54 -0.63 -12.29
CA GLY A 225 40.47 -2.07 -11.98
C GLY A 225 39.10 -2.66 -12.25
N ARG A 226 38.94 -3.96 -11.99
CA ARG A 226 37.69 -4.74 -12.28
C ARG A 226 37.73 -6.06 -11.49
N MET A 227 36.57 -6.53 -11.03
CA MET A 227 36.41 -7.79 -10.25
C MET A 227 35.53 -8.77 -11.04
N ASP A 228 35.66 -10.07 -10.73
CA ASP A 228 34.80 -11.17 -11.26
C ASP A 228 34.17 -11.89 -10.06
N TYR A 229 32.89 -11.60 -9.79
CA TYR A 229 32.13 -12.12 -8.62
C TYR A 229 31.63 -13.55 -8.91
N TYR A 230 31.59 -14.38 -7.86
CA TYR A 230 31.15 -15.81 -7.92
C TYR A 230 30.31 -16.12 -6.68
N TRP A 231 29.58 -17.25 -6.71
CA TRP A 231 28.77 -17.76 -5.58
C TRP A 231 28.68 -19.28 -5.64
N ALA A 232 28.35 -19.90 -4.50
CA ALA A 232 28.15 -21.37 -4.35
C ALA A 232 27.19 -21.62 -3.17
N VAL A 233 26.72 -22.87 -3.04
CA VAL A 233 25.79 -23.33 -1.96
C VAL A 233 26.47 -24.47 -1.20
N LEU A 234 26.65 -24.32 0.12
CA LEU A 234 27.24 -25.34 1.03
C LEU A 234 26.10 -26.06 1.76
N LYS A 235 25.94 -27.37 1.49
CA LYS A 235 24.85 -28.21 2.05
C LYS A 235 25.20 -28.59 3.49
N PRO A 236 24.21 -29.03 4.30
CA PRO A 236 24.50 -29.45 5.68
C PRO A 236 25.47 -30.64 5.72
N GLY A 237 26.54 -30.52 6.51
CA GLY A 237 27.56 -31.57 6.70
C GLY A 237 28.79 -31.37 5.81
N GLN A 238 28.63 -30.67 4.67
CA GLN A 238 29.71 -30.40 3.69
C GLN A 238 30.74 -29.44 4.30
N THR A 239 31.92 -29.37 3.67
CA THR A 239 33.07 -28.53 4.10
C THR A 239 33.56 -27.69 2.91
N VAL A 240 33.69 -26.38 3.10
CA VAL A 240 34.34 -25.44 2.13
C VAL A 240 35.72 -25.07 2.68
N LYS A 241 36.73 -25.00 1.82
CA LYS A 241 38.13 -24.67 2.18
C LYS A 241 38.70 -23.68 1.16
N ILE A 242 39.20 -22.54 1.64
CA ILE A 242 39.79 -21.43 0.84
C ILE A 242 41.31 -21.58 0.82
N GLN A 243 41.97 -21.14 -0.26
CA GLN A 243 43.45 -21.16 -0.41
C GLN A 243 43.86 -20.13 -1.46
N THR A 244 44.79 -19.21 -1.12
CA THR A 244 45.33 -18.16 -2.03
C THR A 244 46.74 -17.75 -1.62
N ASN A 245 47.42 -17.03 -2.52
CA ASN A 245 48.67 -16.26 -2.25
C ASN A 245 48.49 -14.85 -2.85
N GLY A 246 47.26 -14.35 -2.86
CA GLY A 246 46.89 -13.03 -3.41
C GLY A 246 45.77 -13.14 -4.44
N ASN A 247 45.04 -12.04 -4.63
CA ASN A 247 43.98 -11.85 -5.68
C ASN A 247 42.76 -12.70 -5.31
N LEU A 248 42.19 -12.48 -4.12
CA LEU A 248 40.87 -13.01 -3.70
C LEU A 248 40.17 -12.01 -2.79
N ILE A 249 38.88 -11.79 -3.01
CA ILE A 249 37.94 -11.15 -2.05
C ILE A 249 37.24 -12.30 -1.29
N ALA A 250 37.86 -12.74 -0.19
CA ALA A 250 37.49 -13.97 0.55
C ALA A 250 36.16 -13.78 1.27
N PRO A 251 35.37 -14.87 1.45
CA PRO A 251 34.13 -14.78 2.21
C PRO A 251 34.38 -14.77 3.72
N GLU A 252 33.78 -13.80 4.44
CA GLU A 252 33.79 -13.74 5.92
C GLU A 252 32.47 -14.32 6.45
N TYR A 253 31.35 -13.96 5.83
CA TYR A 253 29.98 -14.35 6.23
C TYR A 253 29.28 -15.09 5.08
N GLY A 254 28.38 -16.02 5.44
CA GLY A 254 27.46 -16.71 4.52
C GLY A 254 26.02 -16.49 4.95
N HIS A 255 25.05 -16.84 4.11
CA HIS A 255 23.59 -16.66 4.34
C HIS A 255 22.93 -18.02 4.59
N LEU A 256 22.47 -18.25 5.83
CA LEU A 256 21.73 -19.47 6.23
C LEU A 256 20.27 -19.31 5.77
N ILE A 257 19.83 -20.16 4.83
CA ILE A 257 18.52 -20.05 4.12
C ILE A 257 17.61 -21.21 4.58
N THR A 258 16.31 -20.95 4.71
CA THR A 258 15.30 -21.92 5.25
C THR A 258 13.91 -21.66 4.65
N GLY A 259 13.14 -22.73 4.43
CA GLY A 259 11.71 -22.68 4.05
C GLY A 259 11.51 -22.39 2.57
N LYS A 260 10.25 -22.23 2.15
CA LYS A 260 9.85 -21.84 0.77
C LYS A 260 9.01 -20.56 0.81
N SER A 261 9.35 -19.59 -0.04
CA SER A 261 8.57 -18.35 -0.30
C SER A 261 7.54 -18.62 -1.41
N HIS A 262 6.97 -17.57 -2.01
CA HIS A 262 6.17 -17.64 -3.26
C HIS A 262 7.12 -17.76 -4.46
N GLY A 263 8.41 -17.42 -4.27
CA GLY A 263 9.46 -17.48 -5.30
C GLY A 263 9.20 -16.47 -6.41
N ARG A 264 9.19 -15.19 -6.06
CA ARG A 264 8.70 -14.10 -6.94
C ARG A 264 9.41 -12.78 -6.60
N ILE A 265 9.86 -12.06 -7.64
CA ILE A 265 10.36 -10.65 -7.55
C ILE A 265 9.50 -9.79 -8.48
N LEU A 266 8.51 -9.08 -7.91
CA LEU A 266 7.61 -8.15 -8.65
C LEU A 266 8.34 -6.82 -8.86
N LYS A 267 7.96 -6.08 -9.92
CA LYS A 267 8.60 -4.81 -10.34
C LYS A 267 7.52 -3.74 -10.55
N ASN A 268 7.18 -2.99 -9.48
CA ASN A 268 6.08 -1.99 -9.47
C ASN A 268 6.41 -0.86 -8.49
N ASN A 269 5.67 0.26 -8.59
CA ASN A 269 5.77 1.44 -7.71
C ASN A 269 4.49 1.58 -6.88
N LEU A 270 3.86 0.44 -6.54
CA LEU A 270 2.57 0.39 -5.79
C LEU A 270 2.83 0.68 -4.31
N PRO A 271 1.90 1.36 -3.61
CA PRO A 271 2.05 1.65 -2.18
C PRO A 271 1.78 0.42 -1.32
N MET A 272 2.64 0.17 -0.32
CA MET A 272 2.50 -0.95 0.65
C MET A 272 1.37 -0.62 1.64
N GLY A 273 0.29 -1.40 1.61
CA GLY A 273 -0.90 -1.22 2.47
C GLY A 273 -1.00 -2.30 3.54
N GLN A 274 -1.69 -1.99 4.65
CA GLN A 274 -1.99 -2.93 5.75
C GLN A 274 -3.28 -3.70 5.41
N CYS A 275 -3.14 -4.90 4.84
CA CYS A 275 -4.26 -5.73 4.31
C CYS A 275 -3.79 -7.17 4.07
N VAL A 276 -4.70 -8.13 4.17
CA VAL A 276 -4.51 -9.56 3.79
C VAL A 276 -5.30 -9.81 2.49
N THR A 277 -4.75 -10.63 1.58
CA THR A 277 -5.33 -10.89 0.24
C THR A 277 -5.20 -12.37 -0.15
N GLU A 278 -6.09 -12.83 -1.03
CA GLU A 278 -6.11 -14.19 -1.63
C GLU A 278 -5.27 -14.18 -2.91
N CYS A 279 -5.44 -13.14 -3.75
CA CYS A 279 -4.73 -12.95 -5.05
C CYS A 279 -3.98 -11.62 -5.06
N GLN A 280 -2.72 -11.63 -5.55
CA GLN A 280 -1.85 -10.44 -5.68
C GLN A 280 -1.23 -10.41 -7.08
N LEU A 281 -1.35 -9.28 -7.79
CA LEU A 281 -0.76 -9.03 -9.12
C LEU A 281 0.28 -7.91 -9.01
N ASN A 282 1.14 -7.78 -10.02
CA ASN A 282 2.11 -6.66 -10.18
C ASN A 282 1.32 -5.36 -10.36
N GLU A 283 0.08 -5.46 -10.86
CA GLU A 283 -0.82 -4.31 -11.18
C GLU A 283 -1.69 -3.94 -9.97
N GLY A 284 -1.93 -4.88 -9.05
CA GLY A 284 -2.69 -4.62 -7.80
C GLY A 284 -3.27 -5.87 -7.16
N VAL A 285 -4.34 -5.70 -6.38
CA VAL A 285 -5.00 -6.76 -5.55
C VAL A 285 -6.45 -6.92 -6.03
N MET A 286 -7.10 -8.04 -5.69
CA MET A 286 -8.38 -8.48 -6.31
C MET A 286 -9.09 -9.51 -5.43
N ASN A 287 -10.41 -9.35 -5.24
CA ASN A 287 -11.30 -10.32 -4.54
C ASN A 287 -12.68 -10.29 -5.20
N THR A 288 -13.02 -11.34 -5.96
CA THR A 288 -14.27 -11.43 -6.78
C THR A 288 -14.74 -12.89 -6.89
N SER A 289 -16.02 -13.08 -7.23
CA SER A 289 -16.68 -14.40 -7.44
C SER A 289 -16.63 -14.80 -8.92
N LYS A 290 -16.20 -13.88 -9.79
CA LYS A 290 -16.25 -14.04 -11.26
C LYS A 290 -15.13 -14.99 -11.71
N PRO A 291 -15.38 -15.84 -12.73
CA PRO A 291 -14.39 -16.80 -13.19
C PRO A 291 -13.22 -16.20 -14.00
N PHE A 292 -13.38 -14.98 -14.54
CA PHE A 292 -12.41 -14.33 -15.46
C PHE A 292 -11.99 -12.95 -14.94
N GLN A 293 -10.86 -12.47 -15.48
CA GLN A 293 -10.18 -11.20 -15.14
C GLN A 293 -9.26 -10.85 -16.32
N ASN A 294 -8.96 -9.57 -16.54
CA ASN A 294 -8.33 -9.07 -17.80
C ASN A 294 -7.14 -8.12 -17.52
N THR A 295 -6.53 -8.19 -16.34
CA THR A 295 -5.49 -7.22 -15.88
C THR A 295 -4.08 -7.80 -16.13
N SER A 296 -3.88 -9.10 -15.88
CA SER A 296 -2.58 -9.79 -16.11
C SER A 296 -2.73 -11.32 -15.97
N LYS A 297 -1.91 -12.07 -16.73
CA LYS A 297 -1.79 -13.54 -16.66
C LYS A 297 -0.84 -13.94 -15.54
N HIS A 298 0.12 -13.06 -15.20
CA HIS A 298 1.13 -13.26 -14.12
C HIS A 298 0.55 -12.80 -12.78
N TYR A 299 0.23 -13.75 -11.89
CA TYR A 299 -0.37 -13.50 -10.55
C TYR A 299 0.21 -14.49 -9.53
N ILE A 300 -0.05 -14.26 -8.25
CA ILE A 300 0.33 -15.17 -7.12
C ILE A 300 -0.91 -15.42 -6.26
N GLY A 301 -1.13 -16.68 -5.86
CA GLY A 301 -2.26 -17.11 -5.00
C GLY A 301 -3.46 -17.56 -5.82
N LYS A 302 -4.61 -17.72 -5.15
CA LYS A 302 -5.90 -18.15 -5.74
C LYS A 302 -6.55 -16.96 -6.47
N CYS A 303 -6.60 -17.00 -7.81
CA CYS A 303 -7.07 -15.89 -8.67
C CYS A 303 -7.91 -16.42 -9.84
N PRO A 304 -8.83 -15.60 -10.41
CA PRO A 304 -9.57 -15.99 -11.61
C PRO A 304 -8.66 -16.12 -12.84
N LYS A 305 -9.16 -16.79 -13.89
CA LYS A 305 -8.44 -17.06 -15.16
C LYS A 305 -8.32 -15.76 -15.96
N TYR A 306 -7.18 -15.56 -16.64
CA TYR A 306 -6.91 -14.37 -17.48
C TYR A 306 -7.40 -14.61 -18.92
N ILE A 307 -8.20 -13.68 -19.44
CA ILE A 307 -8.56 -13.57 -20.88
C ILE A 307 -8.46 -12.10 -21.28
N PRO A 308 -8.10 -11.77 -22.55
CA PRO A 308 -7.93 -10.38 -22.97
C PRO A 308 -9.24 -9.61 -23.15
N SER A 309 -10.38 -10.30 -23.15
CA SER A 309 -11.74 -9.71 -23.29
C SER A 309 -12.05 -8.80 -22.08
N GLY A 310 -12.66 -7.65 -22.33
CA GLY A 310 -13.06 -6.67 -21.29
C GLY A 310 -14.38 -7.05 -20.64
N SER A 311 -15.25 -7.78 -21.35
CA SER A 311 -16.61 -8.18 -20.89
C SER A 311 -17.07 -9.45 -21.61
N LEU A 312 -17.55 -10.44 -20.84
CA LEU A 312 -18.24 -11.67 -21.34
C LEU A 312 -19.54 -11.84 -20.58
N LYS A 313 -20.67 -11.85 -21.30
CA LYS A 313 -22.04 -11.90 -20.73
C LYS A 313 -22.63 -13.29 -21.02
N LEU A 314 -23.05 -14.02 -19.98
CA LEU A 314 -23.75 -15.32 -20.08
C LEU A 314 -25.25 -15.09 -19.90
N ALA A 315 -26.08 -15.63 -20.80
CA ALA A 315 -27.55 -15.60 -20.72
C ALA A 315 -28.01 -16.53 -19.59
N ILE A 316 -28.75 -15.99 -18.61
CA ILE A 316 -29.43 -16.76 -17.54
C ILE A 316 -30.93 -16.83 -17.89
N GLY A 317 -31.53 -15.66 -18.20
CA GLY A 317 -32.95 -15.53 -18.57
C GLY A 317 -33.20 -15.86 -20.03
N LEU A 318 -34.39 -15.52 -20.53
CA LEU A 318 -34.86 -15.81 -21.91
C LEU A 318 -34.79 -14.54 -22.75
N ARG A 319 -35.09 -14.64 -24.05
CA ARG A 319 -35.12 -13.51 -25.01
C ARG A 319 -36.15 -12.48 -24.54
N ASN A 320 -35.75 -11.19 -24.52
CA ASN A 320 -36.59 -10.05 -24.07
C ASN A 320 -37.43 -9.56 -25.25
N VAL A 321 -38.72 -9.91 -25.26
CA VAL A 321 -39.67 -9.63 -26.38
C VAL A 321 -40.75 -8.66 -25.89
N PRO A 322 -40.74 -7.39 -26.36
CA PRO A 322 -41.83 -6.46 -26.06
C PRO A 322 -43.19 -6.91 -26.62
N GLN A 323 -44.27 -6.58 -25.93
CA GLN A 323 -45.67 -6.92 -26.31
C GLN A 323 -46.10 -6.05 -27.49
N PRO B 2 64.19 28.43 21.42
CA PRO B 2 63.76 27.07 21.81
C PRO B 2 62.51 26.60 21.04
N ASP B 3 62.64 25.49 20.29
CA ASP B 3 61.58 24.92 19.42
C ASP B 3 60.45 24.39 20.31
N LYS B 4 59.19 24.61 19.89
CA LYS B 4 57.98 24.22 20.68
C LYS B 4 56.90 23.66 19.76
N ILE B 5 56.04 22.80 20.31
CA ILE B 5 54.79 22.28 19.66
C ILE B 5 53.65 22.33 20.67
N CYS B 6 52.47 22.77 20.22
CA CYS B 6 51.27 23.02 21.06
C CYS B 6 50.07 22.24 20.51
N ILE B 7 49.18 21.79 21.41
CA ILE B 7 47.85 21.19 21.06
C ILE B 7 46.78 22.28 21.28
N GLY B 8 45.79 22.33 20.39
CA GLY B 8 44.68 23.30 20.42
C GLY B 8 43.46 22.80 19.67
N TYR B 9 42.41 23.60 19.62
CA TYR B 9 41.09 23.25 19.02
C TYR B 9 40.55 24.43 18.21
N GLN B 10 39.52 24.17 17.40
CA GLN B 10 38.95 25.12 16.43
C GLN B 10 38.07 26.16 17.14
N THR B 11 38.10 27.40 16.65
CA THR B 11 37.10 28.47 16.92
C THR B 11 36.75 29.12 15.57
N ASN B 12 35.51 29.59 15.41
CA ASN B 12 35.01 30.15 14.12
C ASN B 12 33.98 31.25 14.41
N ASN B 13 33.50 31.92 13.34
CA ASN B 13 32.61 33.12 13.40
C ASN B 13 31.20 32.76 13.87
N SER B 14 30.83 31.47 13.84
CA SER B 14 29.48 30.94 14.21
C SER B 14 28.92 31.69 15.42
N THR B 15 27.64 32.07 15.35
CA THR B 15 26.87 32.72 16.45
C THR B 15 25.79 31.76 16.96
N GLU B 16 25.80 30.50 16.50
CA GLU B 16 24.82 29.45 16.89
C GLU B 16 25.07 29.04 18.34
N THR B 17 24.03 29.06 19.18
CA THR B 17 24.07 28.63 20.60
C THR B 17 23.22 27.37 20.78
N VAL B 18 23.50 26.60 21.84
CA VAL B 18 22.70 25.43 22.28
C VAL B 18 22.45 25.56 23.79
N ASN B 19 21.45 24.85 24.30
CA ASN B 19 21.13 24.74 25.74
C ASN B 19 21.57 23.36 26.25
N THR B 20 22.20 23.32 27.42
CA THR B 20 22.43 22.09 28.23
C THR B 20 21.58 22.21 29.50
N LEU B 21 21.60 21.18 30.35
CA LEU B 21 20.82 21.15 31.61
C LEU B 21 21.45 22.11 32.62
N SER B 22 22.76 22.31 32.56
CA SER B 22 23.57 23.05 33.56
C SER B 22 23.82 24.49 33.11
N GLU B 23 23.71 24.78 31.81
CA GLU B 23 24.05 26.12 31.24
C GLU B 23 23.10 26.43 30.05
N GLN B 24 22.77 27.71 29.89
CA GLN B 24 21.86 28.21 28.82
C GLN B 24 22.69 28.98 27.79
N ASN B 25 22.38 28.80 26.50
CA ASN B 25 22.94 29.57 25.36
C ASN B 25 24.47 29.44 25.32
N VAL B 26 24.96 28.20 25.22
CA VAL B 26 26.41 27.86 25.07
C VAL B 26 26.78 28.04 23.61
N PRO B 27 27.73 28.94 23.27
CA PRO B 27 28.21 29.07 21.89
C PRO B 27 28.91 27.79 21.44
N VAL B 28 28.63 27.32 20.22
CA VAL B 28 29.25 26.10 19.61
C VAL B 28 29.63 26.41 18.15
N THR B 29 30.55 25.63 17.60
CA THR B 29 31.19 25.85 16.28
C THR B 29 30.29 25.33 15.14
N GLN B 30 29.55 24.24 15.38
CA GLN B 30 28.59 23.65 14.41
C GLN B 30 27.35 23.12 15.16
N VAL B 31 26.15 23.34 14.61
CA VAL B 31 24.85 22.86 15.17
C VAL B 31 24.05 22.17 14.07
N GLU B 32 22.96 21.50 14.46
CA GLU B 32 21.92 20.95 13.54
C GLU B 32 20.55 21.31 14.12
N GLU B 33 19.75 22.07 13.38
CA GLU B 33 18.33 22.39 13.72
C GLU B 33 17.48 21.15 13.42
N LEU B 34 16.70 20.69 14.41
CA LEU B 34 15.91 19.43 14.36
C LEU B 34 14.43 19.71 14.07
N VAL B 35 13.98 20.97 14.17
CA VAL B 35 12.55 21.38 13.99
C VAL B 35 12.38 22.08 12.64
N HIS B 36 11.52 21.54 11.79
CA HIS B 36 11.05 22.18 10.52
C HIS B 36 9.84 23.08 10.85
N GLY B 37 9.99 24.39 10.65
CA GLY B 37 9.05 25.43 11.13
C GLY B 37 8.09 25.92 10.06
N GLY B 38 8.17 25.40 8.83
CA GLY B 38 7.41 25.91 7.67
C GLY B 38 6.40 24.90 7.13
N ILE B 39 5.45 25.40 6.33
CA ILE B 39 4.49 24.59 5.52
C ILE B 39 4.15 25.37 4.24
N ASP B 40 3.96 24.65 3.13
CA ASP B 40 3.42 25.20 1.86
C ASP B 40 1.90 25.04 1.89
N PRO B 41 1.11 26.13 2.01
CA PRO B 41 -0.32 26.03 2.25
C PRO B 41 -1.10 25.62 0.99
N ILE B 42 -1.06 24.33 0.66
CA ILE B 42 -1.58 23.74 -0.62
C ILE B 42 -2.15 22.34 -0.32
N LEU B 43 -3.07 21.87 -1.15
CA LEU B 43 -3.66 20.49 -1.07
C LEU B 43 -3.07 19.63 -2.21
N CYS B 44 -2.53 18.48 -1.86
CA CYS B 44 -1.81 17.55 -2.78
C CYS B 44 -2.43 16.16 -2.72
N GLY B 45 -2.27 15.37 -3.80
CA GLY B 45 -2.57 13.94 -3.81
C GLY B 45 -1.51 13.18 -3.02
N THR B 46 -1.80 11.92 -2.66
CA THR B 46 -0.88 11.02 -1.92
C THR B 46 -0.64 9.75 -2.77
N GLU B 47 -0.12 8.70 -2.15
CA GLU B 47 0.18 7.39 -2.80
C GLU B 47 -1.13 6.67 -3.20
N LEU B 48 -2.27 7.04 -2.60
CA LEU B 48 -3.58 6.38 -2.85
C LEU B 48 -4.37 7.14 -3.93
N GLY B 49 -4.04 8.42 -4.19
CA GLY B 49 -4.58 9.19 -5.33
C GLY B 49 -4.96 10.59 -4.96
N SER B 50 -5.82 11.22 -5.78
CA SER B 50 -6.34 12.60 -5.62
C SER B 50 -7.41 12.63 -4.54
N PRO B 51 -7.56 13.73 -3.80
CA PRO B 51 -8.64 13.86 -2.81
C PRO B 51 -9.96 14.27 -3.47
N LEU B 52 -11.08 14.07 -2.76
CA LEU B 52 -12.43 14.57 -3.15
C LEU B 52 -12.67 15.92 -2.44
N VAL B 53 -12.57 17.03 -3.18
CA VAL B 53 -12.75 18.41 -2.66
C VAL B 53 -14.21 18.82 -2.83
N LEU B 54 -14.93 19.01 -1.72
CA LEU B 54 -16.37 19.40 -1.69
C LEU B 54 -16.49 20.87 -1.31
N ASP B 55 -16.83 21.73 -2.28
CA ASP B 55 -16.97 23.20 -2.11
C ASP B 55 -18.42 23.63 -2.35
N ASP B 56 -19.33 22.67 -2.58
CA ASP B 56 -20.74 22.92 -2.96
C ASP B 56 -21.68 22.01 -2.15
N CYS B 57 -21.41 20.70 -2.14
CA CYS B 57 -22.26 19.65 -1.50
C CYS B 57 -21.47 18.96 -0.37
N SER B 58 -22.05 18.90 0.83
CA SER B 58 -21.53 18.14 1.99
C SER B 58 -21.60 16.63 1.71
N LEU B 59 -21.02 15.82 2.59
CA LEU B 59 -20.88 14.34 2.39
C LEU B 59 -22.24 13.66 2.54
N GLU B 60 -23.04 14.04 3.54
CA GLU B 60 -24.38 13.45 3.80
C GLU B 60 -25.33 13.80 2.64
N GLY B 61 -25.16 14.97 2.02
CA GLY B 61 -25.91 15.40 0.83
C GLY B 61 -25.60 14.52 -0.36
N LEU B 62 -24.32 14.18 -0.55
CA LEU B 62 -23.80 13.30 -1.63
C LEU B 62 -24.33 11.88 -1.44
N ILE B 63 -24.46 11.43 -0.17
CA ILE B 63 -24.95 10.07 0.21
C ILE B 63 -26.45 9.99 -0.07
N LEU B 64 -27.22 10.98 0.39
CA LEU B 64 -28.70 11.03 0.26
C LEU B 64 -29.10 11.35 -1.20
N GLY B 65 -28.19 11.94 -1.97
CA GLY B 65 -28.43 12.29 -3.39
C GLY B 65 -29.29 13.54 -3.50
N ASN B 66 -28.86 14.63 -2.87
CA ASN B 66 -29.50 15.98 -2.97
C ASN B 66 -29.51 16.40 -4.43
N PRO B 67 -30.63 16.96 -4.94
CA PRO B 67 -30.75 17.28 -6.37
C PRO B 67 -29.82 18.38 -6.88
N LYS B 68 -29.17 19.14 -5.98
CA LYS B 68 -28.13 20.14 -6.34
C LYS B 68 -26.76 19.47 -6.50
N CYS B 69 -26.65 18.17 -6.19
CA CYS B 69 -25.39 17.38 -6.19
C CYS B 69 -25.41 16.33 -7.31
N ASP B 70 -25.89 16.71 -8.50
CA ASP B 70 -26.05 15.81 -9.67
C ASP B 70 -24.68 15.45 -10.27
N LEU B 71 -23.64 16.21 -9.93
CA LEU B 71 -22.26 16.03 -10.46
C LEU B 71 -21.70 14.67 -10.03
N TYR B 72 -22.05 14.20 -8.82
CA TYR B 72 -21.41 13.05 -8.12
C TYR B 72 -22.21 11.75 -8.33
N LEU B 73 -23.26 11.76 -9.17
CA LEU B 73 -24.14 10.58 -9.40
C LEU B 73 -23.37 9.45 -10.09
N ASN B 74 -22.39 9.79 -10.94
CA ASN B 74 -21.57 8.82 -11.71
C ASN B 74 -20.51 8.17 -10.81
N GLY B 75 -20.38 8.61 -9.56
CA GLY B 75 -19.51 7.99 -8.53
C GLY B 75 -18.10 8.55 -8.56
N ARG B 76 -17.37 8.42 -7.45
CA ARG B 76 -15.97 8.94 -7.28
C ARG B 76 -15.13 7.93 -6.49
N GLU B 77 -13.80 8.04 -6.59
CA GLU B 77 -12.83 7.42 -5.66
C GLU B 77 -11.81 8.49 -5.24
N TRP B 78 -11.27 8.37 -4.02
CA TRP B 78 -10.42 9.41 -3.38
C TRP B 78 -9.38 8.76 -2.46
N SER B 79 -8.36 9.53 -2.09
CA SER B 79 -7.36 9.21 -1.03
C SER B 79 -7.88 9.73 0.31
N TYR B 80 -8.40 10.97 0.32
CA TYR B 80 -9.04 11.63 1.49
C TYR B 80 -10.06 12.67 1.00
N ILE B 81 -10.85 13.22 1.92
CA ILE B 81 -11.96 14.18 1.60
C ILE B 81 -11.62 15.54 2.23
N VAL B 82 -11.98 16.63 1.53
CA VAL B 82 -11.86 18.04 2.00
C VAL B 82 -13.23 18.72 1.86
N GLU B 83 -13.88 19.03 3.00
CA GLU B 83 -15.10 19.88 3.08
C GLU B 83 -14.69 21.30 3.48
N ARG B 84 -15.08 22.31 2.71
CA ARG B 84 -14.79 23.73 3.03
C ARG B 84 -15.59 24.14 4.26
N PRO B 85 -15.11 25.11 5.07
CA PRO B 85 -15.73 25.41 6.37
C PRO B 85 -17.10 26.12 6.33
N LYS B 86 -17.53 26.61 5.16
CA LYS B 86 -18.82 27.34 5.00
C LYS B 86 -19.98 26.34 5.01
N GLU B 87 -21.20 26.85 5.21
CA GLU B 87 -22.47 26.06 5.16
C GLU B 87 -22.68 25.55 3.73
N MET B 88 -23.12 24.30 3.59
CA MET B 88 -23.20 23.59 2.28
C MET B 88 -24.47 22.74 2.21
N GLU B 89 -24.83 22.29 0.99
CA GLU B 89 -26.07 21.54 0.67
C GLU B 89 -25.92 20.10 1.14
N GLY B 90 -26.69 19.72 2.17
CA GLY B 90 -26.75 18.34 2.70
C GLY B 90 -28.18 17.83 2.71
N VAL B 91 -28.79 17.76 3.88
CA VAL B 91 -30.22 17.38 4.09
C VAL B 91 -31.10 18.56 3.65
N CYS B 92 -31.89 18.37 2.58
CA CYS B 92 -32.78 19.42 2.00
C CYS B 92 -34.08 19.53 2.81
N TYR B 93 -34.81 18.42 2.99
CA TYR B 93 -36.07 18.39 3.76
C TYR B 93 -35.75 18.29 5.26
N PRO B 94 -36.30 19.19 6.10
CA PRO B 94 -35.98 19.23 7.53
C PRO B 94 -35.99 17.87 8.23
N GLY B 95 -35.00 17.61 9.09
CA GLY B 95 -34.91 16.36 9.88
C GLY B 95 -33.49 16.04 10.33
N SER B 96 -33.34 15.01 11.17
CA SER B 96 -32.07 14.53 11.76
C SER B 96 -31.75 13.12 11.22
N ILE B 97 -30.49 12.90 10.82
CA ILE B 97 -29.97 11.55 10.45
C ILE B 97 -29.54 10.84 11.75
N GLU B 98 -30.03 9.62 11.98
CA GLU B 98 -29.68 8.77 13.15
C GLU B 98 -28.25 8.26 12.97
N ASN B 99 -27.37 8.54 13.95
CA ASN B 99 -25.94 8.11 13.98
C ASN B 99 -25.19 8.72 12.79
N GLN B 100 -25.39 10.03 12.55
CA GLN B 100 -24.81 10.78 11.40
C GLN B 100 -23.28 10.71 11.42
N GLU B 101 -22.66 10.81 12.61
CA GLU B 101 -21.19 10.88 12.79
C GLU B 101 -20.57 9.53 12.39
N GLU B 102 -21.27 8.43 12.65
CA GLU B 102 -20.84 7.05 12.28
C GLU B 102 -20.99 6.84 10.77
N LEU B 103 -22.03 7.40 10.16
CA LEU B 103 -22.28 7.34 8.69
C LEU B 103 -21.17 8.10 7.95
N ARG B 104 -20.84 9.31 8.41
CA ARG B 104 -19.78 10.17 7.82
C ARG B 104 -18.42 9.49 7.98
N SER B 105 -18.19 8.81 9.11
CA SER B 105 -16.95 8.04 9.41
C SER B 105 -16.85 6.85 8.46
N LEU B 106 -17.89 6.01 8.39
CA LEU B 106 -17.97 4.80 7.55
C LEU B 106 -17.69 5.16 6.08
N PHE B 107 -18.43 6.11 5.54
CA PHE B 107 -18.44 6.46 4.09
C PHE B 107 -17.10 7.08 3.69
N SER B 108 -16.49 7.89 4.56
CA SER B 108 -15.18 8.54 4.35
C SER B 108 -14.04 7.50 4.45
N SER B 109 -14.28 6.39 5.17
CA SER B 109 -13.28 5.32 5.42
C SER B 109 -13.08 4.45 4.17
N ILE B 110 -14.01 4.52 3.21
CA ILE B 110 -13.97 3.71 1.95
C ILE B 110 -13.25 4.52 0.86
N LYS B 111 -12.70 3.83 -0.14
CA LYS B 111 -11.92 4.45 -1.26
C LYS B 111 -12.88 4.87 -2.39
N LYS B 112 -13.82 4.01 -2.77
CA LYS B 112 -14.65 4.17 -4.00
C LYS B 112 -16.11 3.79 -3.73
N TYR B 113 -17.05 4.50 -4.35
CA TYR B 113 -18.50 4.17 -4.37
C TYR B 113 -19.05 4.33 -5.81
N GLU B 114 -20.10 3.57 -6.13
CA GLU B 114 -20.91 3.71 -7.37
C GLU B 114 -22.36 3.33 -7.06
N ARG B 115 -23.33 4.04 -7.65
CA ARG B 115 -24.78 3.86 -7.37
C ARG B 115 -25.28 2.59 -8.06
N VAL B 116 -26.09 1.81 -7.34
CA VAL B 116 -26.75 0.55 -7.82
C VAL B 116 -28.25 0.67 -7.53
N LYS B 117 -29.10 0.10 -8.40
CA LYS B 117 -30.58 0.15 -8.29
C LYS B 117 -31.05 -1.02 -7.42
N MET B 118 -31.93 -0.75 -6.44
CA MET B 118 -32.36 -1.73 -5.40
C MET B 118 -33.83 -2.13 -5.65
N PHE B 119 -34.71 -1.16 -5.88
CA PHE B 119 -36.18 -1.36 -6.01
C PHE B 119 -36.70 -0.66 -7.28
N ASP B 120 -37.37 -1.43 -8.15
CA ASP B 120 -38.14 -0.93 -9.32
C ASP B 120 -39.52 -0.50 -8.85
N PHE B 121 -39.83 0.80 -8.92
CA PHE B 121 -41.09 1.41 -8.38
C PHE B 121 -42.16 1.49 -9.47
N THR B 122 -41.86 1.07 -10.70
CA THR B 122 -42.82 1.00 -11.83
C THR B 122 -43.88 -0.06 -11.52
N LYS B 123 -43.49 -1.18 -10.91
CA LYS B 123 -44.37 -2.33 -10.60
C LYS B 123 -45.23 -2.01 -9.36
N TRP B 124 -44.77 -1.09 -8.50
CA TRP B 124 -45.44 -0.71 -7.22
C TRP B 124 -46.83 -0.14 -7.49
N ASN B 125 -47.72 -0.18 -6.49
CA ASN B 125 -49.15 0.16 -6.59
C ASN B 125 -49.44 1.51 -5.90
N VAL B 126 -48.47 2.44 -5.94
CA VAL B 126 -48.62 3.81 -5.35
C VAL B 126 -47.81 4.79 -6.21
N THR B 127 -48.09 6.09 -6.05
CA THR B 127 -47.36 7.21 -6.71
C THR B 127 -46.04 7.45 -5.96
N TYR B 128 -44.92 7.44 -6.68
CA TYR B 128 -43.53 7.50 -6.13
C TYR B 128 -42.82 8.74 -6.66
N THR B 129 -43.58 9.76 -7.06
CA THR B 129 -43.13 10.86 -7.96
C THR B 129 -43.23 12.23 -7.26
N GLY B 130 -43.66 12.27 -6.00
CA GLY B 130 -43.84 13.51 -5.23
C GLY B 130 -42.54 14.30 -5.09
N THR B 131 -42.65 15.63 -4.98
CA THR B 131 -41.51 16.58 -4.81
C THR B 131 -41.82 17.55 -3.65
N SER B 132 -40.85 18.39 -3.30
CA SER B 132 -40.93 19.39 -2.20
C SER B 132 -40.23 20.69 -2.61
N LYS B 133 -40.69 21.82 -2.08
CA LYS B 133 -40.15 23.18 -2.34
C LYS B 133 -38.87 23.39 -1.52
N ALA B 134 -38.60 22.48 -0.57
CA ALA B 134 -37.37 22.47 0.27
C ALA B 134 -36.20 21.86 -0.52
N CYS B 135 -36.45 20.78 -1.26
CA CYS B 135 -35.43 20.05 -2.06
C CYS B 135 -35.41 20.56 -3.50
N ASN B 136 -35.15 21.86 -3.69
CA ASN B 136 -35.06 22.53 -5.02
C ASN B 136 -33.85 21.99 -5.78
N ASN B 137 -33.96 21.84 -7.10
CA ASN B 137 -32.87 21.41 -8.02
C ASN B 137 -32.03 22.65 -8.39
N THR B 138 -31.19 22.54 -9.42
CA THR B 138 -30.25 23.61 -9.86
C THR B 138 -31.02 24.83 -10.36
N SER B 139 -32.20 24.63 -10.96
CA SER B 139 -33.02 25.69 -11.63
C SER B 139 -34.08 26.25 -10.68
N ASN B 140 -34.00 25.96 -9.37
CA ASN B 140 -34.95 26.42 -8.32
C ASN B 140 -36.36 25.92 -8.64
N GLN B 141 -36.48 24.64 -9.02
CA GLN B 141 -37.78 23.93 -9.24
C GLN B 141 -37.91 22.82 -8.19
N GLY B 142 -39.12 22.65 -7.65
CA GLY B 142 -39.46 21.55 -6.72
C GLY B 142 -38.96 20.21 -7.24
N SER B 143 -38.15 19.50 -6.44
CA SER B 143 -37.56 18.17 -6.78
C SER B 143 -37.47 17.32 -5.50
N PHE B 144 -36.73 16.21 -5.56
CA PHE B 144 -36.51 15.29 -4.41
C PHE B 144 -35.17 14.57 -4.56
N TYR B 145 -34.74 13.88 -3.49
CA TYR B 145 -33.53 13.02 -3.44
C TYR B 145 -33.55 12.05 -4.62
N ARG B 146 -32.39 11.75 -5.19
CA ARG B 146 -32.23 10.82 -6.34
C ARG B 146 -32.24 9.37 -5.83
N SER B 147 -31.74 9.13 -4.62
CA SER B 147 -31.51 7.78 -4.04
C SER B 147 -32.78 7.26 -3.34
N MET B 148 -33.72 8.15 -2.99
CA MET B 148 -34.98 7.79 -2.27
C MET B 148 -36.18 8.37 -3.01
N ARG B 149 -37.37 7.78 -2.80
CA ARG B 149 -38.65 8.17 -3.45
C ARG B 149 -39.74 8.37 -2.39
N TRP B 150 -40.46 9.49 -2.47
CA TRP B 150 -41.65 9.80 -1.63
C TRP B 150 -42.85 8.99 -2.14
N LEU B 151 -43.33 8.04 -1.34
CA LEU B 151 -44.50 7.17 -1.67
C LEU B 151 -45.78 7.85 -1.16
N THR B 152 -46.65 8.27 -2.09
CA THR B 152 -47.96 8.92 -1.84
C THR B 152 -49.07 8.04 -2.42
N LEU B 153 -50.33 8.39 -2.16
CA LEU B 153 -51.53 7.59 -2.58
C LEU B 153 -51.72 7.67 -4.10
N LYS B 154 -52.22 6.60 -4.70
CA LYS B 154 -52.54 6.48 -6.15
C LYS B 154 -54.02 6.09 -6.31
N SER B 155 -54.78 6.89 -7.07
CA SER B 155 -56.23 6.71 -7.32
C SER B 155 -56.98 6.57 -5.99
N GLY B 156 -56.68 7.44 -5.02
CA GLY B 156 -57.30 7.48 -3.69
C GLY B 156 -57.14 6.17 -2.94
N GLN B 157 -55.94 5.56 -2.99
CA GLN B 157 -55.67 4.21 -2.47
C GLN B 157 -54.24 4.11 -1.91
N PHE B 158 -54.05 3.30 -0.86
CA PHE B 158 -52.71 2.93 -0.31
C PHE B 158 -52.81 1.56 0.35
N PRO B 159 -52.79 0.45 -0.42
CA PRO B 159 -52.73 -0.90 0.13
C PRO B 159 -51.37 -1.17 0.79
N VAL B 160 -51.25 -2.30 1.50
CA VAL B 160 -49.98 -2.73 2.18
C VAL B 160 -49.00 -3.19 1.10
N GLN B 161 -47.97 -2.38 0.83
CA GLN B 161 -46.92 -2.63 -0.20
C GLN B 161 -45.78 -3.42 0.45
N THR B 162 -45.09 -4.25 -0.34
CA THR B 162 -43.92 -5.08 0.07
C THR B 162 -43.06 -5.39 -1.16
N ASP B 163 -41.73 -5.41 -0.98
CA ASP B 163 -40.75 -5.76 -2.06
C ASP B 163 -39.44 -6.25 -1.42
N GLU B 164 -38.68 -7.08 -2.14
CA GLU B 164 -37.40 -7.66 -1.70
C GLU B 164 -36.27 -7.15 -2.61
N TYR B 165 -35.05 -7.10 -2.07
CA TYR B 165 -33.77 -6.97 -2.85
C TYR B 165 -32.68 -7.80 -2.16
N LYS B 166 -32.02 -8.67 -2.93
CA LYS B 166 -30.83 -9.45 -2.49
C LYS B 166 -29.58 -8.77 -3.05
N ASN B 167 -28.51 -8.69 -2.23
CA ASN B 167 -27.19 -8.16 -2.62
C ASN B 167 -26.35 -9.31 -3.17
N THR B 168 -26.25 -9.43 -4.50
CA THR B 168 -25.52 -10.51 -5.21
C THR B 168 -24.10 -10.05 -5.56
N ARG B 169 -23.70 -8.86 -5.11
CA ARG B 169 -22.38 -8.24 -5.39
C ARG B 169 -21.33 -8.81 -4.43
N ASP B 170 -20.04 -8.54 -4.69
CA ASP B 170 -18.89 -9.04 -3.90
C ASP B 170 -18.50 -8.02 -2.82
N SER B 171 -19.25 -6.93 -2.68
CA SER B 171 -18.95 -5.80 -1.77
C SER B 171 -20.25 -5.29 -1.10
N ASP B 172 -20.10 -4.62 0.05
CA ASP B 172 -21.22 -4.13 0.90
C ASP B 172 -21.94 -2.97 0.20
N ILE B 173 -23.22 -2.75 0.52
CA ILE B 173 -24.07 -1.67 -0.05
C ILE B 173 -24.67 -0.84 1.09
N VAL B 174 -24.43 0.48 1.07
CA VAL B 174 -25.03 1.47 2.02
C VAL B 174 -26.29 2.04 1.36
N PHE B 175 -27.42 2.02 2.09
CA PHE B 175 -28.71 2.62 1.66
C PHE B 175 -29.31 3.41 2.83
N THR B 176 -30.23 4.33 2.50
CA THR B 176 -30.89 5.27 3.44
C THR B 176 -32.40 5.30 3.16
N TRP B 177 -33.21 5.39 4.22
CA TRP B 177 -34.68 5.65 4.14
C TRP B 177 -35.05 6.75 5.13
N ALA B 178 -36.32 7.14 5.18
CA ALA B 178 -36.84 8.17 6.11
C ALA B 178 -38.34 7.97 6.35
N ILE B 179 -38.83 8.45 7.50
CA ILE B 179 -40.26 8.41 7.92
C ILE B 179 -40.76 9.85 7.99
N HIS B 180 -41.79 10.17 7.19
CA HIS B 180 -42.41 11.53 7.11
C HIS B 180 -43.50 11.66 8.17
N HIS B 181 -43.34 12.61 9.10
CA HIS B 181 -44.34 13.01 10.13
C HIS B 181 -45.04 14.27 9.65
N PRO B 182 -46.28 14.19 9.11
CA PRO B 182 -46.99 15.36 8.59
C PRO B 182 -47.45 16.31 9.70
N PRO B 183 -47.72 17.59 9.37
CA PRO B 183 -48.16 18.57 10.37
C PRO B 183 -49.58 18.32 10.88
N THR B 184 -50.56 18.27 9.97
CA THR B 184 -52.01 18.16 10.28
C THR B 184 -52.53 16.75 9.95
N SER B 185 -53.60 16.32 10.63
CA SER B 185 -54.28 15.01 10.48
C SER B 185 -54.95 14.92 9.10
N ASP B 186 -55.27 16.06 8.49
CA ASP B 186 -55.90 16.16 7.15
C ASP B 186 -54.87 15.77 6.08
N GLU B 187 -53.64 16.29 6.19
CA GLU B 187 -52.51 16.02 5.25
C GLU B 187 -52.07 14.55 5.38
N GLN B 188 -52.11 14.00 6.59
CA GLN B 188 -51.85 12.55 6.86
C GLN B 188 -52.86 11.70 6.08
N VAL B 189 -54.13 12.14 6.06
CA VAL B 189 -55.27 11.44 5.39
C VAL B 189 -55.28 11.77 3.89
N LYS B 190 -54.78 12.95 3.50
CA LYS B 190 -54.72 13.39 2.08
C LYS B 190 -53.61 12.61 1.35
N LEU B 191 -52.40 12.61 1.89
CA LEU B 191 -51.17 12.08 1.23
C LEU B 191 -51.20 10.55 1.18
N TYR B 192 -51.69 9.90 2.23
CA TYR B 192 -51.57 8.43 2.44
C TYR B 192 -52.95 7.75 2.53
N LYS B 193 -54.03 8.51 2.72
CA LYS B 193 -55.43 8.00 2.80
C LYS B 193 -55.52 6.97 3.93
N ASN B 194 -54.80 7.19 5.03
CA ASN B 194 -54.75 6.29 6.21
C ASN B 194 -54.53 7.14 7.47
N PRO B 195 -55.32 6.93 8.55
CA PRO B 195 -55.09 7.66 9.80
C PRO B 195 -53.81 7.16 10.51
N ASP B 196 -53.66 5.84 10.63
CA ASP B 196 -52.50 5.17 11.28
C ASP B 196 -51.89 4.16 10.30
N THR B 197 -50.56 4.15 10.18
CA THR B 197 -49.78 3.30 9.22
C THR B 197 -48.61 2.65 9.94
N LEU B 198 -48.19 1.46 9.50
CA LEU B 198 -47.01 0.73 10.00
C LEU B 198 -45.99 0.55 8.86
N SER B 199 -44.84 1.22 8.98
CA SER B 199 -43.68 1.11 8.05
C SER B 199 -42.52 0.41 8.77
N SER B 200 -41.91 -0.59 8.13
CA SER B 200 -40.81 -1.42 8.71
C SER B 200 -39.74 -1.72 7.66
N VAL B 201 -38.48 -1.78 8.10
CA VAL B 201 -37.28 -2.15 7.29
C VAL B 201 -36.57 -3.29 8.02
N THR B 202 -36.37 -4.42 7.35
CA THR B 202 -35.85 -5.68 7.93
C THR B 202 -34.76 -6.27 7.03
N THR B 203 -33.79 -6.97 7.62
CA THR B 203 -32.73 -7.73 6.91
C THR B 203 -32.52 -9.06 7.64
N ASP B 204 -31.47 -9.81 7.28
CA ASP B 204 -31.04 -11.04 7.98
C ASP B 204 -30.61 -10.70 9.41
N GLU B 205 -30.09 -9.48 9.63
CA GLU B 205 -29.50 -9.03 10.92
C GLU B 205 -30.49 -8.14 11.68
N ILE B 206 -30.97 -7.06 11.05
CA ILE B 206 -31.74 -5.97 11.72
C ILE B 206 -33.25 -6.24 11.60
N ASN B 207 -34.04 -5.60 12.47
CA ASN B 207 -35.52 -5.71 12.53
C ASN B 207 -36.07 -4.39 13.12
N ARG B 208 -36.41 -3.44 12.24
CA ARG B 208 -36.73 -2.03 12.59
C ARG B 208 -38.13 -1.67 12.09
N SER B 209 -39.03 -1.28 13.00
CA SER B 209 -40.43 -0.85 12.70
C SER B 209 -40.63 0.59 13.17
N PHE B 210 -41.48 1.35 12.46
CA PHE B 210 -41.66 2.82 12.66
C PHE B 210 -43.15 3.19 12.55
N LYS B 211 -43.61 4.01 13.50
CA LYS B 211 -44.99 4.58 13.54
C LYS B 211 -44.92 6.09 13.37
N PRO B 212 -45.75 6.70 12.50
CA PRO B 212 -45.84 8.16 12.41
C PRO B 212 -46.62 8.74 13.60
N ASN B 213 -46.43 10.04 13.86
CA ASN B 213 -47.08 10.79 14.97
C ASN B 213 -47.35 12.22 14.50
N ILE B 214 -48.60 12.51 14.13
CA ILE B 214 -49.04 13.76 13.46
C ILE B 214 -49.00 14.90 14.48
N GLY B 215 -48.61 16.10 14.02
CA GLY B 215 -48.50 17.31 14.87
C GLY B 215 -47.66 18.39 14.20
N PRO B 216 -47.84 19.68 14.56
CA PRO B 216 -47.10 20.77 13.92
C PRO B 216 -45.70 20.97 14.55
N ARG B 217 -44.71 21.33 13.73
CA ARG B 217 -43.33 21.66 14.13
C ARG B 217 -42.99 23.09 13.69
N PRO B 218 -42.14 23.82 14.43
CA PRO B 218 -41.72 25.17 14.01
C PRO B 218 -41.22 25.18 12.56
N LEU B 219 -41.61 26.20 11.79
CA LEU B 219 -41.20 26.39 10.36
C LEU B 219 -39.68 26.45 10.27
N VAL B 220 -39.06 25.47 9.62
CA VAL B 220 -37.58 25.40 9.40
C VAL B 220 -37.27 26.04 8.04
N ARG B 221 -37.59 25.34 6.93
CA ARG B 221 -37.36 25.84 5.55
C ARG B 221 -38.71 25.92 4.83
N GLY B 222 -39.59 26.80 5.32
CA GLY B 222 -40.98 26.95 4.83
C GLY B 222 -41.70 25.61 4.84
N GLN B 223 -41.55 24.84 5.92
CA GLN B 223 -42.07 23.46 6.06
C GLN B 223 -42.43 23.20 7.53
N GLN B 224 -43.70 22.85 7.79
CA GLN B 224 -44.24 22.59 9.16
C GLN B 224 -44.20 21.10 9.44
N GLY B 225 -43.86 20.28 8.44
CA GLY B 225 -43.58 18.84 8.59
C GLY B 225 -42.15 18.59 9.04
N ARG B 226 -41.77 17.33 9.19
CA ARG B 226 -40.41 16.91 9.65
C ARG B 226 -40.20 15.43 9.32
N MET B 227 -39.02 15.08 8.83
CA MET B 227 -38.62 13.68 8.48
C MET B 227 -37.56 13.18 9.47
N ASP B 228 -37.53 11.87 9.70
CA ASP B 228 -36.48 11.18 10.52
C ASP B 228 -35.71 10.23 9.60
N TYR B 229 -34.50 10.62 9.19
CA TYR B 229 -33.63 9.86 8.25
C TYR B 229 -32.93 8.71 8.99
N TYR B 230 -32.73 7.60 8.29
CA TYR B 230 -32.04 6.38 8.80
C TYR B 230 -31.10 5.83 7.72
N TRP B 231 -30.19 4.94 8.11
CA TRP B 231 -29.23 4.26 7.20
C TRP B 231 -28.88 2.87 7.74
N ALA B 232 -28.57 1.93 6.84
CA ALA B 232 -28.13 0.56 7.17
C ALA B 232 -27.19 0.06 6.08
N VAL B 233 -26.40 -0.97 6.38
CA VAL B 233 -25.42 -1.62 5.44
C VAL B 233 -25.94 -3.02 5.12
N LEU B 234 -26.04 -3.35 3.82
CA LEU B 234 -26.44 -4.68 3.31
C LEU B 234 -25.19 -5.41 2.80
N LYS B 235 -24.79 -6.51 3.46
CA LYS B 235 -23.56 -7.28 3.18
C LYS B 235 -23.80 -8.22 2.01
N PRO B 236 -22.73 -8.71 1.34
CA PRO B 236 -22.86 -9.73 0.29
C PRO B 236 -23.62 -10.99 0.76
N GLY B 237 -24.74 -11.31 0.10
CA GLY B 237 -25.58 -12.48 0.39
C GLY B 237 -26.84 -12.11 1.14
N GLN B 238 -26.78 -11.08 1.99
CA GLN B 238 -27.92 -10.59 2.82
C GLN B 238 -29.00 -9.99 1.91
N THR B 239 -30.24 -9.95 2.42
CA THR B 239 -31.45 -9.49 1.69
C THR B 239 -32.18 -8.43 2.55
N VAL B 240 -32.53 -7.29 1.94
CA VAL B 240 -33.38 -6.23 2.56
C VAL B 240 -34.82 -6.46 2.09
N LYS B 241 -35.79 -6.28 3.00
CA LYS B 241 -37.24 -6.41 2.71
C LYS B 241 -37.99 -5.22 3.30
N ILE B 242 -38.65 -4.44 2.43
CA ILE B 242 -39.42 -3.22 2.79
C ILE B 242 -40.92 -3.59 2.84
N GLN B 243 -41.68 -2.95 3.73
CA GLN B 243 -43.15 -3.15 3.88
C GLN B 243 -43.77 -1.93 4.55
N THR B 244 -44.72 -1.25 3.88
CA THR B 244 -45.38 -0.01 4.37
C THR B 244 -46.79 0.13 3.79
N ASN B 245 -47.66 0.84 4.52
CA ASN B 245 -49.01 1.27 4.07
C ASN B 245 -49.10 2.80 4.21
N GLY B 246 -47.96 3.51 4.22
CA GLY B 246 -47.89 4.99 4.22
C GLY B 246 -46.74 5.52 5.06
N ASN B 247 -46.32 6.76 4.78
CA ASN B 247 -45.44 7.63 5.59
C ASN B 247 -43.95 7.30 5.36
N LEU B 248 -43.62 6.34 4.49
CA LEU B 248 -42.22 5.96 4.19
C LEU B 248 -41.69 6.77 3.01
N ILE B 249 -40.46 7.27 3.13
CA ILE B 249 -39.58 7.68 2.00
C ILE B 249 -38.67 6.48 1.70
N ALA B 250 -39.06 5.65 0.73
CA ALA B 250 -38.45 4.32 0.45
C ALA B 250 -37.16 4.49 -0.33
N PRO B 251 -36.16 3.60 -0.12
CA PRO B 251 -34.91 3.65 -0.87
C PRO B 251 -35.07 3.17 -2.32
N GLU B 252 -34.45 3.86 -3.27
CA GLU B 252 -34.43 3.50 -4.72
C GLU B 252 -33.04 2.95 -5.07
N TYR B 253 -31.98 3.74 -4.84
CA TYR B 253 -30.57 3.42 -5.15
C TYR B 253 -29.75 3.25 -3.86
N GLY B 254 -28.87 2.26 -3.85
CA GLY B 254 -27.85 2.04 -2.80
C GLY B 254 -26.48 2.45 -3.28
N HIS B 255 -25.47 2.41 -2.40
CA HIS B 255 -24.06 2.75 -2.69
C HIS B 255 -23.17 1.53 -2.48
N LEU B 256 -22.52 1.04 -3.55
CA LEU B 256 -21.58 -0.11 -3.50
C LEU B 256 -20.18 0.40 -3.14
N ILE B 257 -19.68 0.04 -1.96
CA ILE B 257 -18.48 0.62 -1.30
C ILE B 257 -17.34 -0.42 -1.28
N THR B 258 -16.17 -0.06 -1.82
CA THR B 258 -14.97 -0.94 -1.93
C THR B 258 -13.71 -0.17 -1.54
N GLY B 259 -12.72 -0.89 -0.99
CA GLY B 259 -11.36 -0.39 -0.73
C GLY B 259 -11.26 0.38 0.59
N LYS B 260 -10.04 0.73 0.99
CA LYS B 260 -9.74 1.58 2.18
C LYS B 260 -9.12 2.90 1.71
N SER B 261 -9.69 4.01 2.15
CA SER B 261 -9.14 5.40 2.01
C SER B 261 -8.14 5.65 3.15
N HIS B 262 -7.64 6.88 3.27
CA HIS B 262 -6.91 7.37 4.47
C HIS B 262 -7.91 7.54 5.63
N GLY B 263 -9.21 7.55 5.34
CA GLY B 263 -10.29 7.62 6.35
C GLY B 263 -10.26 8.95 7.07
N ARG B 264 -10.39 10.05 6.31
CA ARG B 264 -10.08 11.42 6.77
C ARG B 264 -10.99 12.42 6.06
N ILE B 265 -11.56 13.37 6.83
CA ILE B 265 -12.31 14.55 6.31
C ILE B 265 -11.62 15.81 6.83
N LEU B 266 -10.69 16.36 6.04
CA LEU B 266 -9.98 17.63 6.34
C LEU B 266 -10.92 18.80 6.04
N LYS B 267 -10.77 19.92 6.77
CA LYS B 267 -11.74 21.05 6.76
C LYS B 267 -10.98 22.37 6.67
N ASN B 268 -10.65 22.80 5.44
CA ASN B 268 -9.77 23.96 5.16
C ASN B 268 -10.20 24.65 3.86
N ASN B 269 -9.62 25.82 3.57
CA ASN B 269 -9.86 26.62 2.33
C ASN B 269 -8.56 26.70 1.53
N LEU B 270 -7.79 25.60 1.47
CA LEU B 270 -6.47 25.54 0.79
C LEU B 270 -6.68 25.32 -0.71
N PRO B 271 -5.94 26.04 -1.59
CA PRO B 271 -6.01 25.81 -3.02
C PRO B 271 -5.64 24.37 -3.42
N MET B 272 -6.43 23.76 -4.31
CA MET B 272 -6.18 22.43 -4.91
C MET B 272 -5.08 22.57 -5.98
N GLY B 273 -3.85 22.18 -5.65
CA GLY B 273 -2.68 22.30 -6.54
C GLY B 273 -2.25 20.96 -7.11
N GLN B 274 -1.64 20.96 -8.30
CA GLN B 274 -1.01 19.78 -8.93
C GLN B 274 0.29 19.46 -8.19
N CYS B 275 0.35 18.31 -7.52
CA CYS B 275 1.47 17.91 -6.62
C CYS B 275 1.17 16.56 -5.95
N VAL B 276 2.17 15.69 -5.85
CA VAL B 276 2.14 14.41 -5.09
C VAL B 276 3.11 14.53 -3.91
N THR B 277 2.68 14.12 -2.71
CA THR B 277 3.41 14.31 -1.42
C THR B 277 3.42 13.02 -0.60
N GLU B 278 4.35 12.93 0.35
CA GLU B 278 4.48 11.83 1.34
C GLU B 278 3.67 12.18 2.59
N CYS B 279 3.64 13.46 2.98
CA CYS B 279 2.91 13.98 4.17
C CYS B 279 1.95 15.11 3.76
N GLN B 280 0.72 15.09 4.29
CA GLN B 280 -0.33 16.12 4.08
C GLN B 280 -0.96 16.49 5.43
N LEU B 281 -1.12 17.79 5.68
CA LEU B 281 -1.77 18.38 6.89
C LEU B 281 -2.95 19.25 6.46
N ASN B 282 -3.82 19.61 7.40
CA ASN B 282 -4.98 20.52 7.20
C ASN B 282 -4.45 21.95 6.96
N GLU B 283 -3.22 22.23 7.39
CA GLU B 283 -2.55 23.55 7.27
C GLU B 283 -1.72 23.63 5.99
N GLY B 284 -1.37 22.49 5.39
CA GLY B 284 -0.63 22.45 4.10
C GLY B 284 0.21 21.20 3.93
N VAL B 285 1.24 21.27 3.09
CA VAL B 285 2.14 20.14 2.71
C VAL B 285 3.57 20.47 3.17
N MET B 286 4.46 19.48 3.17
CA MET B 286 5.80 19.56 3.82
C MET B 286 6.66 18.37 3.40
N ASN B 287 7.95 18.61 3.13
CA ASN B 287 8.92 17.57 2.67
C ASN B 287 10.30 17.89 3.26
N THR B 288 10.71 17.17 4.30
CA THR B 288 11.95 17.44 5.09
C THR B 288 12.59 16.13 5.58
N SER B 289 13.88 16.18 5.92
CA SER B 289 14.66 15.07 6.54
C SER B 289 14.63 15.22 8.07
N LYS B 290 14.16 16.35 8.57
CA LYS B 290 14.21 16.71 10.02
C LYS B 290 13.25 15.82 10.80
N PRO B 291 13.57 15.50 12.07
CA PRO B 291 12.73 14.61 12.88
C PRO B 291 11.50 15.27 13.53
N PHE B 292 11.48 16.61 13.65
CA PHE B 292 10.44 17.37 14.38
C PHE B 292 9.77 18.41 13.48
N GLN B 293 8.55 18.80 13.88
CA GLN B 293 7.63 19.71 13.12
C GLN B 293 6.63 20.29 14.13
N ASN B 294 6.24 21.57 13.97
CA ASN B 294 5.53 22.36 15.02
C ASN B 294 4.19 22.91 14.52
N THR B 295 3.61 22.37 13.44
CA THR B 295 2.41 22.92 12.77
C THR B 295 1.14 22.21 13.27
N SER B 296 1.12 20.87 13.33
CA SER B 296 -0.03 20.09 13.84
C SER B 296 0.35 18.64 14.18
N LYS B 297 -0.37 18.04 15.13
CA LYS B 297 -0.29 16.59 15.50
C LYS B 297 -1.16 15.75 14.56
N HIS B 298 -2.12 16.37 13.88
CA HIS B 298 -3.07 15.72 12.94
C HIS B 298 -2.50 15.82 11.52
N TYR B 299 -2.01 14.70 10.97
CA TYR B 299 -1.40 14.60 9.62
C TYR B 299 -1.73 13.23 9.02
N ILE B 300 -1.55 13.08 7.70
CA ILE B 300 -1.70 11.79 6.96
C ILE B 300 -0.38 11.47 6.25
N GLY B 301 0.09 10.24 6.37
CA GLY B 301 1.27 9.71 5.66
C GLY B 301 2.49 9.58 6.57
N LYS B 302 3.69 9.67 5.99
CA LYS B 302 5.00 9.57 6.69
C LYS B 302 5.51 10.98 6.96
N CYS B 303 5.39 11.45 8.21
CA CYS B 303 5.60 12.86 8.61
C CYS B 303 6.47 12.95 9.87
N PRO B 304 7.25 14.04 10.06
CA PRO B 304 8.02 14.22 11.29
C PRO B 304 7.12 14.34 12.53
N LYS B 305 7.60 13.85 13.69
CA LYS B 305 6.88 13.90 14.99
C LYS B 305 6.58 15.35 15.35
N TYR B 306 5.45 15.60 16.02
CA TYR B 306 4.99 16.96 16.43
C TYR B 306 5.50 17.28 17.84
N ILE B 307 6.12 18.45 18.00
CA ILE B 307 6.38 19.11 19.31
C ILE B 307 6.05 20.60 19.15
N PRO B 308 5.54 21.28 20.20
CA PRO B 308 5.12 22.68 20.08
C PRO B 308 6.25 23.71 19.98
N SER B 309 7.51 23.28 20.09
CA SER B 309 8.72 24.16 20.04
C SER B 309 8.98 24.62 18.60
N GLY B 310 9.42 25.88 18.44
CA GLY B 310 9.73 26.49 17.14
C GLY B 310 11.14 26.14 16.65
N SER B 311 12.07 25.86 17.57
CA SER B 311 13.48 25.55 17.27
C SER B 311 14.08 24.64 18.36
N LEU B 312 14.85 23.63 17.96
CA LEU B 312 15.68 22.75 18.85
C LEU B 312 17.06 22.56 18.21
N LYS B 313 18.11 23.11 18.84
CA LYS B 313 19.52 23.04 18.37
C LYS B 313 20.24 21.87 19.06
N LEU B 314 20.74 20.92 18.28
CA LEU B 314 21.63 19.82 18.74
C LEU B 314 23.07 20.20 18.38
N ALA B 315 23.97 20.20 19.37
CA ALA B 315 25.41 20.48 19.21
C ALA B 315 26.08 19.32 18.45
N ILE B 316 26.87 19.64 17.42
CA ILE B 316 27.79 18.69 16.72
C ILE B 316 29.22 19.12 17.00
N GLY B 317 29.52 20.42 16.87
CA GLY B 317 30.85 21.01 17.14
C GLY B 317 31.14 21.10 18.64
N LEU B 318 32.14 21.90 19.00
CA LEU B 318 32.63 22.06 20.40
C LEU B 318 32.29 23.48 20.88
N ARG B 319 32.40 23.75 22.18
CA ARG B 319 32.25 25.10 22.75
C ARG B 319 33.12 26.05 21.93
N ASN B 320 32.54 27.16 21.45
CA ASN B 320 33.23 28.20 20.63
C ASN B 320 33.91 29.17 21.58
N VAL B 321 35.24 29.18 21.63
CA VAL B 321 36.05 30.02 22.56
C VAL B 321 36.95 30.93 21.74
N PRO B 322 36.75 32.27 21.80
CA PRO B 322 37.67 33.22 21.17
C PRO B 322 39.09 33.13 21.76
N GLN B 323 40.11 33.48 20.97
CA GLN B 323 41.54 33.42 21.37
C GLN B 323 41.85 34.55 22.35
N GLY C 1 -36.70 -18.77 -32.80
CA GLY C 1 -36.05 -19.89 -32.07
C GLY C 1 -36.43 -21.24 -32.67
N LEU C 2 -35.68 -22.29 -32.30
CA LEU C 2 -35.84 -23.68 -32.81
C LEU C 2 -37.25 -24.20 -32.53
N PHE C 3 -37.78 -23.97 -31.32
CA PHE C 3 -39.06 -24.53 -30.83
C PHE C 3 -40.22 -23.59 -31.21
N GLY C 4 -39.91 -22.38 -31.67
CA GLY C 4 -40.85 -21.45 -32.33
C GLY C 4 -42.02 -21.05 -31.45
N ALA C 5 -41.80 -20.95 -30.13
CA ALA C 5 -42.79 -20.48 -29.13
C ALA C 5 -42.51 -19.01 -28.79
N ILE C 6 -41.32 -18.73 -28.23
CA ILE C 6 -40.86 -17.36 -27.86
C ILE C 6 -40.57 -16.58 -29.14
N ALA C 7 -41.28 -15.46 -29.34
CA ALA C 7 -41.21 -14.58 -30.54
C ALA C 7 -41.61 -15.38 -31.78
N GLY C 8 -42.54 -16.34 -31.63
CA GLY C 8 -43.07 -17.21 -32.71
C GLY C 8 -44.57 -17.05 -32.86
N PHE C 9 -45.34 -18.04 -32.39
CA PHE C 9 -46.83 -18.04 -32.43
C PHE C 9 -47.38 -17.25 -31.23
N ILE C 10 -46.61 -17.19 -30.13
CA ILE C 10 -46.83 -16.22 -29.01
C ILE C 10 -45.91 -15.01 -29.27
N GLU C 11 -46.41 -14.01 -30.02
CA GLU C 11 -45.62 -12.88 -30.57
C GLU C 11 -44.90 -12.12 -29.46
N GLY C 12 -45.60 -11.81 -28.36
CA GLY C 12 -45.12 -10.91 -27.29
C GLY C 12 -45.16 -11.56 -25.91
N GLY C 13 -44.37 -11.00 -24.97
CA GLY C 13 -44.34 -11.40 -23.56
C GLY C 13 -45.21 -10.49 -22.71
N TRP C 14 -45.34 -10.79 -21.41
CA TRP C 14 -46.21 -10.06 -20.45
C TRP C 14 -45.36 -9.28 -19.45
N PRO C 15 -45.39 -7.93 -19.45
CA PRO C 15 -44.67 -7.13 -18.47
C PRO C 15 -45.27 -7.24 -17.06
N GLY C 16 -46.55 -7.62 -16.96
CA GLY C 16 -47.26 -7.84 -15.69
C GLY C 16 -46.71 -9.03 -14.91
N LEU C 17 -46.12 -10.01 -15.60
CA LEU C 17 -45.54 -11.24 -15.01
C LEU C 17 -44.13 -10.93 -14.49
N VAL C 18 -44.00 -10.71 -13.17
CA VAL C 18 -42.73 -10.34 -12.48
C VAL C 18 -42.24 -11.50 -11.60
N ALA C 19 -43.15 -12.37 -11.15
CA ALA C 19 -42.90 -13.44 -10.15
C ALA C 19 -41.96 -14.51 -10.72
N GLY C 20 -42.09 -14.84 -12.01
CA GLY C 20 -41.28 -15.87 -12.69
C GLY C 20 -41.12 -15.60 -14.18
N TRP C 21 -40.63 -16.59 -14.93
CA TRP C 21 -40.41 -16.53 -16.39
C TRP C 21 -41.71 -16.88 -17.13
N TYR C 22 -42.20 -18.11 -16.94
CA TYR C 22 -43.41 -18.66 -17.62
C TYR C 22 -44.60 -18.59 -16.65
N GLY C 23 -45.79 -18.28 -17.16
CA GLY C 23 -47.00 -18.10 -16.33
C GLY C 23 -48.30 -18.19 -17.14
N PHE C 24 -49.42 -18.04 -16.43
CA PHE C 24 -50.81 -18.11 -16.97
C PHE C 24 -51.50 -16.75 -16.81
N GLN C 25 -52.24 -16.32 -17.85
CA GLN C 25 -53.15 -15.15 -17.81
C GLN C 25 -54.49 -15.57 -18.41
N HIS C 26 -55.54 -15.66 -17.59
CA HIS C 26 -56.91 -16.09 -17.98
C HIS C 26 -57.84 -14.87 -18.05
N GLN C 27 -59.09 -15.09 -18.52
CA GLN C 27 -60.18 -14.09 -18.58
C GLN C 27 -61.52 -14.81 -18.45
N ASN C 28 -62.14 -14.76 -17.27
CA ASN C 28 -63.42 -15.46 -16.94
C ASN C 28 -64.41 -14.42 -16.38
N ALA C 29 -65.40 -14.86 -15.60
CA ALA C 29 -66.37 -14.02 -14.88
C ALA C 29 -65.61 -13.04 -13.97
N GLU C 30 -64.97 -13.55 -12.90
CA GLU C 30 -64.20 -12.77 -11.90
C GLU C 30 -63.24 -11.81 -12.61
N ILE C 34 -53.20 -12.86 -13.42
CA ILE C 34 -51.86 -13.25 -13.95
C ILE C 34 -51.03 -13.86 -12.80
N ALA C 35 -50.39 -15.01 -13.05
CA ALA C 35 -49.60 -15.78 -12.06
C ALA C 35 -48.66 -16.76 -12.77
N ALA C 36 -47.52 -17.08 -12.14
CA ALA C 36 -46.42 -17.91 -12.71
C ALA C 36 -46.58 -19.37 -12.27
N ASP C 37 -46.34 -20.31 -13.20
CA ASP C 37 -46.31 -21.77 -12.93
C ASP C 37 -45.02 -22.10 -12.17
N ARG C 38 -45.14 -22.69 -10.97
CA ARG C 38 -44.01 -22.89 -10.02
C ARG C 38 -43.30 -24.22 -10.30
N ASP C 39 -43.89 -25.11 -11.11
CA ASP C 39 -43.30 -26.43 -11.46
C ASP C 39 -42.20 -26.24 -12.50
N SER C 40 -42.53 -25.63 -13.64
CA SER C 40 -41.64 -25.45 -14.82
C SER C 40 -40.57 -24.39 -14.53
N THR C 41 -40.93 -23.32 -13.82
CA THR C 41 -40.07 -22.13 -13.55
C THR C 41 -38.97 -22.49 -12.54
N GLN C 42 -39.31 -23.26 -11.51
CA GLN C 42 -38.35 -23.70 -10.45
C GLN C 42 -37.33 -24.69 -11.06
N ARG C 43 -37.82 -25.60 -11.92
CA ARG C 43 -37.00 -26.64 -12.61
C ARG C 43 -36.04 -25.96 -13.60
N ALA C 44 -36.43 -24.81 -14.16
CA ALA C 44 -35.62 -23.99 -15.09
C ALA C 44 -34.51 -23.27 -14.31
N ILE C 45 -34.84 -22.72 -13.14
CA ILE C 45 -33.89 -21.98 -12.25
C ILE C 45 -32.81 -22.95 -11.75
N ASP C 46 -33.18 -24.20 -11.44
CA ASP C 46 -32.26 -25.29 -11.00
C ASP C 46 -31.20 -25.53 -12.09
N ASN C 47 -31.61 -25.52 -13.36
CA ASN C 47 -30.77 -25.83 -14.54
C ASN C 47 -29.80 -24.67 -14.82
N MET C 48 -30.19 -23.44 -14.50
CA MET C 48 -29.42 -22.20 -14.80
C MET C 48 -28.57 -21.78 -13.60
N GLN C 49 -28.71 -22.46 -12.45
CA GLN C 49 -27.79 -22.31 -11.28
C GLN C 49 -26.70 -23.38 -11.34
N ASN C 50 -27.06 -24.61 -11.76
CA ASN C 50 -26.13 -25.75 -11.93
C ASN C 50 -25.23 -25.51 -13.15
N LYS C 51 -25.76 -24.91 -14.22
CA LYS C 51 -25.00 -24.56 -15.45
C LYS C 51 -23.94 -23.50 -15.10
N LEU C 52 -24.37 -22.39 -14.48
CA LEU C 52 -23.50 -21.24 -14.09
C LEU C 52 -22.36 -21.75 -13.20
N ASN C 53 -22.65 -22.64 -12.25
CA ASN C 53 -21.67 -23.20 -11.27
C ASN C 53 -20.63 -24.06 -12.01
N ASN C 54 -21.07 -24.87 -12.98
CA ASN C 54 -20.20 -25.80 -13.77
C ASN C 54 -19.23 -24.99 -14.63
N VAL C 55 -19.68 -23.87 -15.20
CA VAL C 55 -18.85 -22.94 -16.03
C VAL C 55 -17.76 -22.34 -15.14
N ILE C 56 -18.11 -21.91 -13.92
CA ILE C 56 -17.19 -21.32 -12.92
C ILE C 56 -16.20 -22.40 -12.43
N ASP C 57 -16.66 -23.65 -12.31
CA ASP C 57 -15.87 -24.79 -11.77
C ASP C 57 -14.80 -25.22 -12.79
N LYS C 58 -15.16 -25.27 -14.08
CA LYS C 58 -14.27 -25.74 -15.19
C LYS C 58 -13.07 -24.78 -15.35
N MET C 59 -13.24 -23.50 -14.98
CA MET C 59 -12.22 -22.43 -15.13
C MET C 59 -11.50 -22.20 -13.79
N ASN C 60 -11.86 -22.93 -12.72
CA ASN C 60 -11.50 -22.62 -11.32
C ASN C 60 -10.05 -23.02 -11.02
N LYS C 61 -9.45 -23.91 -11.82
CA LYS C 61 -8.09 -24.46 -11.55
C LYS C 61 -7.03 -23.39 -11.91
N GLN C 62 -6.10 -23.13 -10.99
CA GLN C 62 -5.07 -22.05 -11.11
C GLN C 62 -3.67 -22.67 -11.22
N PHE C 63 -2.79 -22.00 -11.97
CA PHE C 63 -1.33 -22.26 -12.04
C PHE C 63 -0.59 -20.92 -12.00
N GLU C 64 0.49 -20.84 -11.21
CA GLU C 64 1.27 -19.59 -10.97
C GLU C 64 2.36 -19.44 -12.04
N VAL C 65 2.13 -18.56 -13.01
CA VAL C 65 3.07 -18.29 -14.15
C VAL C 65 4.11 -17.26 -13.69
N VAL C 66 5.30 -17.73 -13.33
CA VAL C 66 6.44 -16.90 -12.83
C VAL C 66 7.00 -16.09 -14.01
N ASN C 67 7.56 -14.91 -13.74
CA ASN C 67 8.39 -14.12 -14.68
C ASN C 67 9.86 -14.48 -14.45
N HIS C 68 10.55 -14.92 -15.51
CA HIS C 68 11.98 -15.33 -15.46
C HIS C 68 12.87 -14.23 -16.06
N GLU C 69 14.09 -14.08 -15.54
CA GLU C 69 15.13 -13.15 -16.04
C GLU C 69 16.12 -13.93 -16.90
N PHE C 70 16.54 -13.35 -18.02
CA PHE C 70 17.50 -13.96 -18.99
C PHE C 70 18.55 -12.92 -19.38
N SER C 71 19.81 -13.37 -19.57
CA SER C 71 20.96 -12.54 -19.99
C SER C 71 20.87 -12.25 -21.49
N GLU C 72 21.83 -11.48 -22.02
CA GLU C 72 21.88 -11.06 -23.45
C GLU C 72 22.20 -12.27 -24.33
N VAL C 73 22.87 -13.28 -23.78
CA VAL C 73 23.33 -14.51 -24.50
C VAL C 73 22.28 -15.63 -24.32
N GLU C 74 21.14 -15.34 -23.70
CA GLU C 74 20.03 -16.30 -23.45
C GLU C 74 18.78 -15.81 -24.19
N SER C 75 18.92 -15.48 -25.47
CA SER C 75 17.86 -14.92 -26.36
C SER C 75 16.83 -16.00 -26.72
N ARG C 76 17.31 -17.22 -26.98
CA ARG C 76 16.47 -18.36 -27.47
C ARG C 76 15.53 -18.83 -26.35
N ILE C 77 16.08 -19.21 -25.19
CA ILE C 77 15.29 -19.75 -24.04
C ILE C 77 14.31 -18.68 -23.53
N ASN C 78 14.63 -17.40 -23.72
CA ASN C 78 13.72 -16.25 -23.43
C ASN C 78 12.55 -16.26 -24.43
N MET C 79 12.84 -16.46 -25.72
CA MET C 79 11.83 -16.52 -26.82
C MET C 79 10.95 -17.78 -26.65
N ILE C 80 11.56 -18.92 -26.30
CA ILE C 80 10.88 -20.22 -26.04
C ILE C 80 9.88 -20.06 -24.89
N ASN C 81 10.24 -19.32 -23.85
CA ASN C 81 9.40 -19.10 -22.63
C ASN C 81 8.20 -18.22 -22.97
N SER C 82 8.41 -17.15 -23.75
CA SER C 82 7.37 -16.17 -24.16
C SER C 82 6.34 -16.84 -25.08
N LYS C 83 6.77 -17.80 -25.90
CA LYS C 83 5.91 -18.58 -26.82
C LYS C 83 4.88 -19.39 -26.00
N ILE C 84 5.34 -20.09 -24.96
CA ILE C 84 4.51 -20.95 -24.07
C ILE C 84 3.35 -20.11 -23.50
N ASP C 85 3.68 -18.95 -22.94
CA ASP C 85 2.71 -18.04 -22.23
C ASP C 85 1.71 -17.46 -23.23
N ASP C 86 2.18 -17.05 -24.42
CA ASP C 86 1.36 -16.38 -25.46
C ASP C 86 0.40 -17.38 -26.14
N GLN C 87 0.78 -18.67 -26.20
CA GLN C 87 0.08 -19.71 -26.98
C GLN C 87 -0.97 -20.43 -26.10
N ILE C 88 -0.72 -20.55 -24.79
CA ILE C 88 -1.67 -21.13 -23.80
C ILE C 88 -2.81 -20.14 -23.57
N THR C 89 -2.51 -18.83 -23.50
CA THR C 89 -3.50 -17.74 -23.26
C THR C 89 -4.48 -17.66 -24.45
N ASP C 90 -3.99 -17.90 -25.67
CA ASP C 90 -4.78 -17.88 -26.93
C ASP C 90 -5.82 -19.01 -26.89
N ILE C 91 -5.42 -20.20 -26.41
CA ILE C 91 -6.28 -21.41 -26.31
C ILE C 91 -7.40 -21.16 -25.30
N TRP C 92 -7.10 -20.54 -24.16
CA TRP C 92 -8.07 -20.23 -23.07
C TRP C 92 -9.01 -19.09 -23.52
N ALA C 93 -8.47 -18.07 -24.19
CA ALA C 93 -9.22 -16.93 -24.77
C ALA C 93 -10.24 -17.45 -25.79
N TYR C 94 -9.85 -18.45 -26.59
CA TYR C 94 -10.72 -19.17 -27.57
C TYR C 94 -11.81 -19.92 -26.80
N ASN C 95 -11.42 -20.78 -25.85
CA ASN C 95 -12.31 -21.67 -25.07
C ASN C 95 -13.36 -20.83 -24.32
N ALA C 96 -12.90 -19.83 -23.57
CA ALA C 96 -13.74 -18.91 -22.76
C ALA C 96 -14.78 -18.23 -23.65
N GLU C 97 -14.36 -17.69 -24.80
CA GLU C 97 -15.22 -16.96 -25.76
C GLU C 97 -16.21 -17.92 -26.44
N LEU C 98 -15.73 -19.11 -26.85
CA LEU C 98 -16.51 -20.09 -27.66
C LEU C 98 -17.58 -20.74 -26.78
N LEU C 99 -17.26 -21.11 -25.54
CA LEU C 99 -18.18 -21.77 -24.59
C LEU C 99 -19.40 -20.88 -24.33
N VAL C 100 -19.19 -19.56 -24.23
CA VAL C 100 -20.26 -18.56 -23.91
C VAL C 100 -21.21 -18.42 -25.10
N LEU C 101 -20.69 -18.45 -26.34
CA LEU C 101 -21.50 -18.35 -27.58
C LEU C 101 -22.34 -19.62 -27.77
N LEU C 102 -21.81 -20.78 -27.37
CA LEU C 102 -22.46 -22.11 -27.54
C LEU C 102 -23.59 -22.27 -26.52
N GLU C 103 -23.36 -21.91 -25.26
CA GLU C 103 -24.30 -22.13 -24.13
C GLU C 103 -25.40 -21.06 -24.14
N ASN C 104 -25.11 -19.85 -24.63
CA ASN C 104 -26.12 -18.76 -24.79
C ASN C 104 -27.19 -19.22 -25.78
N GLN C 105 -26.78 -19.79 -26.92
CA GLN C 105 -27.68 -20.30 -27.99
C GLN C 105 -28.59 -21.41 -27.42
N LYS C 106 -28.03 -22.30 -26.60
CA LYS C 106 -28.75 -23.46 -25.98
C LYS C 106 -29.74 -22.94 -24.93
N THR C 107 -29.32 -21.97 -24.11
CA THR C 107 -30.13 -21.36 -23.02
C THR C 107 -31.40 -20.73 -23.60
N LEU C 108 -31.26 -19.92 -24.65
CA LEU C 108 -32.37 -19.22 -25.34
C LEU C 108 -33.35 -20.25 -25.93
N ASP C 109 -32.82 -21.35 -26.46
CA ASP C 109 -33.62 -22.45 -27.10
C ASP C 109 -34.21 -23.36 -26.02
N GLU C 110 -33.58 -23.45 -24.85
CA GLU C 110 -34.09 -24.24 -23.69
C GLU C 110 -35.33 -23.54 -23.12
N HIS C 111 -35.27 -22.22 -22.94
CA HIS C 111 -36.40 -21.35 -22.50
C HIS C 111 -37.55 -21.45 -23.52
N ASP C 112 -37.21 -21.49 -24.81
CA ASP C 112 -38.17 -21.59 -25.95
C ASP C 112 -38.95 -22.91 -25.86
N ALA C 113 -38.28 -23.98 -25.44
CA ALA C 113 -38.84 -25.36 -25.32
C ALA C 113 -39.74 -25.46 -24.09
N ASN C 114 -39.37 -24.78 -22.99
CA ASN C 114 -40.10 -24.80 -21.69
C ASN C 114 -41.52 -24.25 -21.87
N VAL C 115 -41.67 -23.19 -22.68
CA VAL C 115 -42.97 -22.53 -23.01
C VAL C 115 -43.80 -23.50 -23.86
N ARG C 116 -43.20 -24.06 -24.92
CA ARG C 116 -43.83 -25.00 -25.88
C ARG C 116 -44.38 -26.22 -25.12
N ASN C 117 -43.61 -26.76 -24.17
CA ASN C 117 -43.98 -27.94 -23.34
C ASN C 117 -45.15 -27.57 -22.42
N LEU C 118 -45.11 -26.36 -21.84
CA LEU C 118 -46.16 -25.85 -20.91
C LEU C 118 -47.45 -25.59 -21.68
N HIS C 119 -47.36 -25.16 -22.95
CA HIS C 119 -48.50 -24.95 -23.87
C HIS C 119 -49.10 -26.31 -24.26
N ASP C 120 -48.26 -27.32 -24.45
CA ASP C 120 -48.65 -28.69 -24.91
C ASP C 120 -49.39 -29.42 -23.78
N ARG C 121 -48.87 -29.38 -22.55
CA ARG C 121 -49.38 -30.17 -21.39
C ARG C 121 -50.76 -29.61 -20.96
N VAL C 122 -51.04 -28.34 -21.25
CA VAL C 122 -52.35 -27.68 -20.99
C VAL C 122 -53.34 -28.12 -22.08
N ARG C 123 -52.89 -28.17 -23.34
CA ARG C 123 -53.69 -28.64 -24.51
C ARG C 123 -54.07 -30.11 -24.31
N ARG C 124 -53.18 -30.91 -23.69
CA ARG C 124 -53.33 -32.38 -23.49
C ARG C 124 -54.34 -32.68 -22.38
N VAL C 125 -54.40 -31.84 -21.34
CA VAL C 125 -55.29 -32.05 -20.14
C VAL C 125 -56.71 -31.57 -20.47
N LEU C 126 -56.86 -30.49 -21.25
CA LEU C 126 -58.17 -29.89 -21.62
C LEU C 126 -58.87 -30.77 -22.68
N ARG C 127 -58.12 -31.33 -23.62
CA ARG C 127 -58.60 -32.29 -24.65
C ARG C 127 -59.60 -31.57 -25.58
N GLU C 128 -60.83 -32.06 -25.69
CA GLU C 128 -61.84 -31.65 -26.71
C GLU C 128 -62.57 -30.38 -26.28
N ASN C 129 -62.53 -30.02 -24.99
CA ASN C 129 -63.38 -28.97 -24.37
C ASN C 129 -63.01 -27.59 -24.93
N ALA C 130 -61.71 -27.31 -25.09
CA ALA C 130 -61.19 -26.00 -25.56
C ALA C 130 -60.77 -26.09 -27.03
N ILE C 131 -60.41 -24.94 -27.63
CA ILE C 131 -59.95 -24.80 -29.04
C ILE C 131 -58.70 -23.90 -29.05
N ASP C 132 -57.62 -24.38 -29.68
CA ASP C 132 -56.32 -23.65 -29.80
C ASP C 132 -56.49 -22.50 -30.79
N THR C 133 -56.46 -21.26 -30.29
CA THR C 133 -56.57 -20.01 -31.10
C THR C 133 -55.37 -19.91 -32.06
N GLY C 134 -54.19 -20.32 -31.62
CA GLY C 134 -52.94 -20.27 -32.40
C GLY C 134 -52.06 -19.09 -32.02
N ASP C 135 -52.32 -18.48 -30.85
CA ASP C 135 -51.50 -17.39 -30.27
C ASP C 135 -51.27 -17.67 -28.78
N GLY C 136 -51.11 -18.96 -28.42
CA GLY C 136 -50.82 -19.42 -27.05
C GLY C 136 -52.01 -19.29 -26.12
N CYS C 137 -53.23 -19.28 -26.67
CA CYS C 137 -54.50 -19.13 -25.91
C CYS C 137 -55.42 -20.33 -26.18
N PHE C 138 -56.40 -20.54 -25.28
CA PHE C 138 -57.38 -21.65 -25.33
C PHE C 138 -58.76 -21.14 -24.88
N GLU C 139 -59.64 -20.86 -25.85
CA GLU C 139 -61.08 -20.52 -25.61
C GLU C 139 -61.80 -21.78 -25.14
N ILE C 140 -62.51 -21.70 -24.01
CA ILE C 140 -63.16 -22.86 -23.33
C ILE C 140 -64.61 -22.98 -23.83
N ASP C 145 -65.18 -21.84 -13.64
CA ASP C 145 -64.96 -21.42 -12.23
C ASP C 145 -63.49 -21.05 -12.03
N ASN C 146 -63.16 -20.33 -10.95
CA ASN C 146 -61.76 -20.00 -10.56
C ASN C 146 -61.06 -21.29 -10.09
N ASN C 147 -61.81 -22.22 -9.50
CA ASN C 147 -61.32 -23.57 -9.13
C ASN C 147 -60.90 -24.33 -10.39
N CYS C 148 -61.75 -24.33 -11.43
CA CYS C 148 -61.52 -25.04 -12.73
C CYS C 148 -60.28 -24.45 -13.41
N MET C 149 -60.11 -23.13 -13.38
CA MET C 149 -58.91 -22.42 -13.91
C MET C 149 -57.70 -22.77 -13.05
N ASP C 150 -57.90 -22.96 -11.74
CA ASP C 150 -56.84 -23.33 -10.76
C ASP C 150 -56.48 -24.82 -10.92
N THR C 151 -57.45 -25.67 -11.28
CA THR C 151 -57.23 -27.13 -11.52
C THR C 151 -56.44 -27.33 -12.81
N ILE C 152 -56.56 -26.40 -13.78
CA ILE C 152 -55.79 -26.42 -15.05
C ILE C 152 -54.33 -26.04 -14.77
N ARG C 153 -54.10 -25.05 -13.89
CA ARG C 153 -52.76 -24.53 -13.54
C ARG C 153 -51.88 -25.66 -12.96
N ASN C 154 -52.37 -26.36 -11.94
CA ASN C 154 -51.62 -27.42 -11.20
C ASN C 154 -51.80 -28.78 -11.89
N GLY C 155 -52.57 -28.85 -12.98
CA GLY C 155 -52.71 -30.02 -13.85
C GLY C 155 -53.52 -31.13 -13.20
N THR C 156 -54.71 -30.79 -12.67
CA THR C 156 -55.66 -31.73 -12.01
C THR C 156 -57.01 -31.74 -12.74
N TYR C 157 -57.18 -30.92 -13.79
CA TYR C 157 -58.46 -30.74 -14.52
C TYR C 157 -58.92 -32.07 -15.11
N ASN C 158 -60.14 -32.50 -14.77
CA ASN C 158 -60.79 -33.72 -15.31
C ASN C 158 -61.78 -33.30 -16.40
N HIS C 159 -61.45 -33.60 -17.67
CA HIS C 159 -62.25 -33.25 -18.88
C HIS C 159 -63.55 -34.05 -18.91
N LYS C 160 -63.61 -35.18 -18.21
CA LYS C 160 -64.79 -36.08 -18.13
C LYS C 160 -65.95 -35.37 -17.41
N GLU C 161 -65.63 -34.46 -16.48
CA GLU C 161 -66.61 -33.65 -15.70
C GLU C 161 -67.38 -32.73 -16.66
N TYR C 162 -66.69 -32.15 -17.65
CA TYR C 162 -67.26 -31.22 -18.67
C TYR C 162 -67.17 -31.84 -20.06
N GLY D 1 34.36 23.05 32.41
CA GLY D 1 34.57 21.81 31.61
C GLY D 1 34.92 20.63 32.51
N LEU D 2 34.36 19.46 32.21
CA LEU D 2 34.46 18.23 33.05
C LEU D 2 35.89 17.67 32.98
N PHE D 3 36.51 17.68 31.80
CA PHE D 3 37.85 17.10 31.53
C PHE D 3 38.92 18.19 31.59
N GLY D 4 38.52 19.46 31.59
CA GLY D 4 39.33 20.61 32.02
C GLY D 4 40.37 21.04 31.00
N ALA D 5 40.14 20.76 29.71
CA ALA D 5 41.03 21.14 28.60
C ALA D 5 40.43 22.34 27.85
N ILE D 6 39.33 22.14 27.14
CA ILE D 6 38.61 23.22 26.38
C ILE D 6 38.12 24.27 27.37
N ALA D 7 38.49 25.54 27.16
CA ALA D 7 38.25 26.68 28.07
C ALA D 7 38.76 26.33 29.47
N GLY D 8 39.92 25.66 29.54
CA GLY D 8 40.55 25.16 30.78
C GLY D 8 42.01 25.56 30.83
N PHE D 9 42.93 24.59 30.72
CA PHE D 9 44.39 24.83 30.71
C PHE D 9 44.83 25.22 29.29
N ILE D 10 44.01 24.93 28.27
CA ILE D 10 44.14 25.48 26.90
C ILE D 10 43.11 26.61 26.75
N GLU D 11 43.56 27.86 26.95
CA GLU D 11 42.73 29.02 27.37
C GLU D 11 41.73 29.41 26.28
N GLY D 12 42.13 29.34 25.00
CA GLY D 12 41.30 29.77 23.85
C GLY D 12 41.50 28.88 22.63
N GLY D 13 40.69 29.09 21.59
CA GLY D 13 40.74 28.34 20.33
C GLY D 13 41.62 29.01 19.29
N TRP D 14 41.87 28.32 18.17
CA TRP D 14 42.67 28.80 17.01
C TRP D 14 41.75 29.06 15.83
N PRO D 15 41.53 30.33 15.42
CA PRO D 15 40.75 30.62 14.22
C PRO D 15 41.39 30.10 12.92
N GLY D 16 42.69 29.77 12.97
CA GLY D 16 43.46 29.24 11.82
C GLY D 16 43.19 27.78 11.55
N LEU D 17 42.71 27.03 12.55
CA LEU D 17 42.50 25.55 12.47
C LEU D 17 41.15 25.28 11.80
N VAL D 18 41.09 25.45 10.48
CA VAL D 18 39.85 25.29 9.65
C VAL D 18 39.71 23.82 9.23
N ALA D 19 40.82 23.09 9.11
CA ALA D 19 40.90 21.73 8.52
C ALA D 19 40.22 20.68 9.41
N GLY D 20 40.18 20.90 10.73
CA GLY D 20 39.59 19.95 11.70
C GLY D 20 39.30 20.59 13.04
N TRP D 21 38.82 19.79 14.01
CA TRP D 21 38.39 20.23 15.36
C TRP D 21 39.61 20.31 16.32
N TYR D 22 40.54 19.37 16.22
CA TYR D 22 41.73 19.24 17.11
C TYR D 22 42.99 19.18 16.25
N GLY D 23 44.10 19.76 16.70
CA GLY D 23 45.33 19.86 15.90
C GLY D 23 46.53 20.40 16.66
N PHE D 24 47.61 20.64 15.91
CA PHE D 24 48.94 21.10 16.40
C PHE D 24 49.28 22.46 15.81
N GLN D 25 50.00 23.28 16.58
CA GLN D 25 50.72 24.49 16.12
C GLN D 25 52.17 24.38 16.62
N HIS D 26 53.16 24.59 15.73
CA HIS D 26 54.60 24.40 16.02
C HIS D 26 55.39 25.66 15.65
N GLN D 27 56.57 25.82 16.24
CA GLN D 27 57.56 26.89 15.91
C GLN D 27 58.97 26.30 15.94
N ASN D 28 59.78 26.60 14.91
CA ASN D 28 61.21 26.19 14.82
C ASN D 28 61.94 27.14 13.85
N ALA D 29 63.22 26.89 13.60
CA ALA D 29 64.10 27.71 12.72
C ALA D 29 63.45 27.89 11.33
N GLU D 30 62.67 26.92 10.88
CA GLU D 30 62.06 26.88 9.52
C GLU D 30 60.70 27.60 9.49
N GLY D 31 60.24 28.16 10.62
CA GLY D 31 59.04 29.02 10.68
C GLY D 31 57.96 28.49 11.61
N THR D 32 56.71 28.88 11.36
CA THR D 32 55.52 28.65 12.24
C THR D 32 54.37 28.06 11.42
N GLY D 33 53.96 26.83 11.74
CA GLY D 33 52.92 26.07 10.99
C GLY D 33 51.75 25.64 11.86
N ILE D 34 50.63 25.27 11.22
CA ILE D 34 49.39 24.73 11.86
C ILE D 34 48.90 23.52 11.06
N ALA D 35 48.26 22.56 11.72
CA ALA D 35 47.76 21.29 11.12
C ALA D 35 46.82 20.58 12.09
N ALA D 36 45.74 19.99 11.56
CA ALA D 36 44.75 19.20 12.31
C ALA D 36 45.29 17.78 12.52
N ASP D 37 44.92 17.13 13.63
CA ASP D 37 45.22 15.71 13.91
C ASP D 37 44.13 14.87 13.27
N ARG D 38 44.45 14.14 12.20
CA ARG D 38 43.47 13.38 11.36
C ARG D 38 42.90 12.19 12.15
N ASP D 39 43.72 11.60 13.02
CA ASP D 39 43.37 10.36 13.78
C ASP D 39 42.20 10.65 14.73
N SER D 40 42.35 11.64 15.62
CA SER D 40 41.37 11.99 16.68
C SER D 40 40.15 12.69 16.07
N THR D 41 40.34 13.52 15.04
CA THR D 41 39.28 14.31 14.37
C THR D 41 38.29 13.37 13.68
N GLN D 42 38.78 12.44 12.85
CA GLN D 42 37.94 11.54 12.02
C GLN D 42 37.12 10.61 12.93
N ARG D 43 37.72 10.17 14.05
CA ARG D 43 37.08 9.26 15.04
C ARG D 43 35.96 10.00 15.78
N ALA D 44 36.06 11.32 15.90
CA ALA D 44 35.06 12.20 16.57
C ALA D 44 33.90 12.51 15.60
N ILE D 45 34.21 12.75 14.32
CA ILE D 45 33.19 13.06 13.26
C ILE D 45 32.25 11.87 13.09
N ASP D 46 32.79 10.64 13.17
CA ASP D 46 32.02 9.38 12.99
C ASP D 46 31.15 9.12 14.22
N ASN D 47 31.62 9.48 15.42
CA ASN D 47 30.86 9.37 16.69
C ASN D 47 29.66 10.33 16.69
N MET D 48 29.79 11.51 16.07
CA MET D 48 28.76 12.57 16.07
C MET D 48 27.72 12.32 14.98
N GLN D 49 28.14 11.84 13.80
CA GLN D 49 27.23 11.44 12.69
C GLN D 49 26.31 10.32 13.17
N ASN D 50 26.87 9.30 13.83
CA ASN D 50 26.14 8.12 14.38
C ASN D 50 25.09 8.60 15.39
N LYS D 51 25.48 9.49 16.30
CA LYS D 51 24.61 10.06 17.36
C LYS D 51 23.42 10.78 16.71
N LEU D 52 23.70 11.75 15.83
CA LEU D 52 22.68 12.54 15.09
C LEU D 52 21.68 11.60 14.39
N ASN D 53 22.17 10.50 13.81
CA ASN D 53 21.35 9.53 13.02
C ASN D 53 20.42 8.74 13.95
N ASN D 54 20.92 8.30 15.11
CA ASN D 54 20.16 7.49 16.09
C ASN D 54 19.08 8.36 16.75
N VAL D 55 19.31 9.67 16.86
CA VAL D 55 18.34 10.66 17.44
C VAL D 55 17.17 10.83 16.46
N ILE D 56 17.45 10.84 15.16
CA ILE D 56 16.43 10.95 14.08
C ILE D 56 15.66 9.62 13.99
N ASP D 57 16.36 8.48 14.12
CA ASP D 57 15.79 7.12 13.95
C ASP D 57 14.85 6.78 15.11
N LYS D 58 15.15 7.28 16.32
CA LYS D 58 14.32 7.07 17.55
C LYS D 58 13.00 7.84 17.44
N MET D 59 12.90 8.82 16.54
CA MET D 59 11.72 9.72 16.38
C MET D 59 10.90 9.34 15.14
N ASN D 60 11.26 8.27 14.42
CA ASN D 60 10.78 8.00 13.04
C ASN D 60 9.53 7.10 13.03
N LYS D 61 8.99 6.73 14.21
CA LYS D 61 7.81 5.84 14.31
C LYS D 61 6.54 6.65 14.03
N GLN D 62 5.68 6.14 13.13
CA GLN D 62 4.50 6.86 12.57
C GLN D 62 3.22 6.40 13.27
N PHE D 63 2.32 7.35 13.56
CA PHE D 63 0.90 7.09 13.91
C PHE D 63 0.03 8.26 13.41
N GLU D 64 -1.05 7.95 12.71
CA GLU D 64 -1.99 8.94 12.10
C GLU D 64 -3.12 9.23 13.09
N VAL D 65 -3.05 10.38 13.76
CA VAL D 65 -4.03 10.82 14.82
C VAL D 65 -5.22 11.48 14.12
N VAL D 66 -6.30 10.73 13.93
CA VAL D 66 -7.53 11.14 13.21
C VAL D 66 -8.35 12.08 14.10
N ASN D 67 -9.00 13.09 13.51
CA ASN D 67 -10.01 13.96 14.18
C ASN D 67 -11.37 13.28 14.07
N HIS D 68 -12.08 13.11 15.20
CA HIS D 68 -13.42 12.49 15.28
C HIS D 68 -14.49 13.56 15.43
N GLU D 69 -15.75 13.21 15.14
CA GLU D 69 -16.94 14.08 15.30
C GLU D 69 -17.82 13.49 16.41
N PHE D 70 -18.44 14.35 17.21
CA PHE D 70 -19.31 13.97 18.36
C PHE D 70 -20.53 14.89 18.41
N SER D 71 -21.69 14.35 18.83
CA SER D 71 -22.97 15.07 18.99
C SER D 71 -22.97 15.83 20.33
N GLU D 72 -24.03 16.60 20.59
CA GLU D 72 -24.22 17.40 21.83
C GLU D 72 -24.40 16.48 23.04
N VAL D 73 -24.76 15.21 22.80
CA VAL D 73 -25.03 14.18 23.86
C VAL D 73 -23.80 13.28 24.03
N GLU D 74 -22.73 13.51 23.26
CA GLU D 74 -21.48 12.70 23.33
C GLU D 74 -20.33 13.59 23.83
N SER D 75 -20.60 14.39 24.87
CA SER D 75 -19.65 15.37 25.47
C SER D 75 -18.51 14.66 26.19
N ARG D 76 -18.80 13.53 26.83
CA ARG D 76 -17.85 12.80 27.71
C ARG D 76 -16.76 12.13 26.89
N ILE D 77 -17.12 11.40 25.82
CA ILE D 77 -16.16 10.65 24.95
C ILE D 77 -15.35 11.65 24.11
N ASN D 78 -15.91 12.83 23.84
CA ASN D 78 -15.20 13.95 23.16
C ASN D 78 -14.05 14.44 24.06
N MET D 79 -14.30 14.57 25.37
CA MET D 79 -13.30 15.05 26.37
C MET D 79 -12.26 13.96 26.64
N ILE D 80 -12.66 12.69 26.62
CA ILE D 80 -11.75 11.51 26.76
C ILE D 80 -10.78 11.48 25.57
N ASN D 81 -11.29 11.69 24.36
CA ASN D 81 -10.50 11.70 23.10
C ASN D 81 -9.47 12.84 23.14
N SER D 82 -9.88 14.03 23.57
CA SER D 82 -9.02 15.23 23.71
C SER D 82 -7.96 15.00 24.79
N LYS D 83 -8.28 14.23 25.84
CA LYS D 83 -7.37 13.92 26.97
C LYS D 83 -6.22 13.04 26.49
N ILE D 84 -6.46 12.15 25.51
CA ILE D 84 -5.41 11.24 24.96
C ILE D 84 -4.45 12.07 24.11
N ASP D 85 -4.98 12.92 23.23
CA ASP D 85 -4.19 13.74 22.27
C ASP D 85 -3.31 14.75 23.03
N ASP D 86 -3.86 15.38 24.10
CA ASP D 86 -3.19 16.45 24.88
C ASP D 86 -2.06 15.87 25.73
N GLN D 87 -2.22 14.65 26.25
CA GLN D 87 -1.33 14.07 27.28
C GLN D 87 -0.17 13.32 26.59
N ILE D 88 -0.42 12.69 25.44
CA ILE D 88 0.63 12.00 24.63
C ILE D 88 1.58 13.04 24.04
N THR D 89 1.06 14.18 23.58
CA THR D 89 1.85 15.28 22.96
C THR D 89 2.76 15.91 24.03
N ASP D 90 2.35 15.91 25.30
CA ASP D 90 3.12 16.45 26.44
C ASP D 90 4.33 15.55 26.71
N ILE D 91 4.15 14.23 26.66
CA ILE D 91 5.19 13.22 27.00
C ILE D 91 6.31 13.28 25.94
N TRP D 92 5.95 13.38 24.66
CA TRP D 92 6.92 13.49 23.53
C TRP D 92 7.65 14.83 23.57
N ALA D 93 6.92 15.92 23.89
CA ALA D 93 7.49 17.28 24.07
C ALA D 93 8.56 17.25 25.16
N TYR D 94 8.27 16.56 26.27
CA TYR D 94 9.21 16.34 27.40
C TYR D 94 10.42 15.53 26.92
N ASN D 95 10.17 14.38 26.29
CA ASN D 95 11.21 13.42 25.82
C ASN D 95 12.18 14.14 24.87
N ALA D 96 11.65 14.87 23.88
CA ALA D 96 12.42 15.54 22.81
C ALA D 96 13.31 16.65 23.39
N GLU D 97 12.74 17.51 24.24
CA GLU D 97 13.45 18.65 24.89
C GLU D 97 14.56 18.13 25.82
N LEU D 98 14.30 17.04 26.55
CA LEU D 98 15.20 16.48 27.59
C LEU D 98 16.38 15.77 26.90
N LEU D 99 16.12 15.03 25.81
CA LEU D 99 17.13 14.27 25.04
C LEU D 99 18.20 15.22 24.51
N VAL D 100 17.79 16.37 23.96
CA VAL D 100 18.69 17.38 23.33
C VAL D 100 19.55 18.04 24.42
N LEU D 101 18.98 18.36 25.58
CA LEU D 101 19.71 18.99 26.72
C LEU D 101 20.78 18.02 27.25
N LEU D 102 20.42 16.76 27.48
CA LEU D 102 21.30 15.70 28.04
C LEU D 102 22.45 15.42 27.07
N GLU D 103 22.18 15.37 25.76
CA GLU D 103 23.17 14.98 24.72
C GLU D 103 24.08 16.16 24.37
N ASN D 104 23.58 17.40 24.45
CA ASN D 104 24.40 18.63 24.24
C ASN D 104 25.51 18.68 25.30
N GLN D 105 25.18 18.33 26.55
CA GLN D 105 26.16 18.25 27.67
C GLN D 105 27.25 17.23 27.33
N LYS D 106 26.85 16.00 26.96
CA LYS D 106 27.78 14.87 26.67
C LYS D 106 28.69 15.22 25.49
N THR D 107 28.15 15.90 24.47
CA THR D 107 28.87 16.30 23.24
C THR D 107 30.00 17.28 23.56
N LEU D 108 29.71 18.30 24.38
CA LEU D 108 30.69 19.35 24.78
C LEU D 108 31.80 18.71 25.63
N ASP D 109 31.43 17.78 26.52
CA ASP D 109 32.37 17.07 27.43
C ASP D 109 33.20 16.03 26.65
N GLU D 110 32.65 15.47 25.57
CA GLU D 110 33.33 14.45 24.74
C GLU D 110 34.46 15.12 23.93
N HIS D 111 34.20 16.29 23.35
CA HIS D 111 35.22 17.13 22.66
C HIS D 111 36.33 17.47 23.65
N ASP D 112 35.95 17.95 24.83
CA ASP D 112 36.87 18.36 25.93
C ASP D 112 37.83 17.20 26.25
N ALA D 113 37.32 15.97 26.27
CA ALA D 113 38.09 14.73 26.53
C ALA D 113 39.06 14.45 25.37
N ASN D 114 38.61 14.65 24.13
CA ASN D 114 39.39 14.36 22.89
C ASN D 114 40.63 15.27 22.84
N VAL D 115 40.53 16.50 23.32
CA VAL D 115 41.66 17.48 23.41
C VAL D 115 42.64 17.01 24.50
N ARG D 116 42.12 16.65 25.67
CA ARG D 116 42.90 16.18 26.84
C ARG D 116 43.70 14.93 26.46
N ASN D 117 43.06 13.99 25.77
CA ASN D 117 43.66 12.69 25.35
C ASN D 117 44.73 12.94 24.28
N LEU D 118 44.51 13.92 23.40
CA LEU D 118 45.49 14.31 22.34
C LEU D 118 46.74 14.91 23.02
N HIS D 119 46.55 15.76 24.03
CA HIS D 119 47.65 16.37 24.83
C HIS D 119 48.45 15.28 25.55
N ASP D 120 47.76 14.27 26.09
CA ASP D 120 48.36 13.20 26.93
C ASP D 120 49.21 12.27 26.05
N ARG D 121 48.79 12.01 24.81
CA ARG D 121 49.48 11.07 23.89
C ARG D 121 50.71 11.76 23.29
N VAL D 122 50.70 13.10 23.21
CA VAL D 122 51.85 13.92 22.74
C VAL D 122 52.86 14.08 23.90
N ARG D 123 52.39 14.01 25.15
CA ARG D 123 53.28 14.00 26.35
C ARG D 123 54.03 12.68 26.40
N ARG D 124 53.31 11.56 26.25
CA ARG D 124 53.83 10.18 26.39
C ARG D 124 54.89 9.88 25.32
N VAL D 125 54.71 10.41 24.10
CA VAL D 125 55.65 10.17 22.96
C VAL D 125 56.96 10.94 23.19
N LEU D 126 56.89 12.14 23.78
CA LEU D 126 58.05 13.05 23.95
C LEU D 126 58.90 12.65 25.17
N ARG D 127 58.31 11.94 26.14
CA ARG D 127 59.01 11.43 27.36
C ARG D 127 59.74 12.58 28.06
N GLU D 128 61.06 12.48 28.23
CA GLU D 128 61.90 13.45 29.01
C GLU D 128 62.55 14.47 28.05
N ASN D 129 62.31 14.35 26.73
CA ASN D 129 62.91 15.23 25.69
C ASN D 129 62.19 16.59 25.63
N ALA D 130 61.07 16.74 26.35
CA ALA D 130 60.24 17.96 26.35
C ALA D 130 59.82 18.32 27.78
N ILE D 131 59.41 19.57 27.98
CA ILE D 131 58.90 20.10 29.28
C ILE D 131 57.46 20.61 29.05
N ASP D 132 56.50 20.05 29.80
CA ASP D 132 55.07 20.45 29.82
C ASP D 132 54.94 21.85 30.41
N THR D 133 54.74 22.86 29.57
CA THR D 133 54.60 24.30 29.93
C THR D 133 53.36 24.51 30.81
N GLY D 134 52.33 23.66 30.65
CA GLY D 134 51.07 23.72 31.41
C GLY D 134 50.07 24.70 30.79
N ASP D 135 50.20 24.98 29.49
CA ASP D 135 49.26 25.83 28.71
C ASP D 135 48.87 25.13 27.40
N GLY D 136 49.24 23.85 27.24
CA GLY D 136 48.99 23.06 26.03
C GLY D 136 50.24 22.92 25.16
N CYS D 137 51.30 23.67 25.45
CA CYS D 137 52.57 23.68 24.66
C CYS D 137 53.63 22.83 25.35
N PHE D 138 54.49 22.20 24.54
CA PHE D 138 55.73 21.48 24.97
C PHE D 138 56.95 22.22 24.40
N GLU D 139 57.81 22.76 25.27
CA GLU D 139 59.16 23.26 24.89
C GLU D 139 60.07 22.05 24.68
N ILE D 140 60.57 21.86 23.46
CA ILE D 140 61.45 20.70 23.08
C ILE D 140 62.89 21.07 23.44
N LEU D 141 63.65 20.13 24.01
CA LEU D 141 64.99 20.36 24.61
C LEU D 141 66.10 20.16 23.57
N HIS D 142 65.75 19.86 22.32
CA HIS D 142 66.70 19.66 21.19
C HIS D 142 66.18 20.37 19.94
N LYS D 143 67.04 20.56 18.94
CA LYS D 143 66.70 21.22 17.65
C LYS D 143 65.78 20.30 16.85
N CYS D 144 64.47 20.59 16.86
CA CYS D 144 63.42 19.77 16.18
C CYS D 144 63.12 20.37 14.81
N ASP D 145 63.59 19.68 13.76
CA ASP D 145 63.40 20.00 12.31
C ASP D 145 61.91 19.99 11.97
N ASN D 146 61.55 20.30 10.71
CA ASN D 146 60.17 20.14 10.18
C ASN D 146 59.83 18.65 10.10
N ASN D 147 60.80 17.82 9.75
CA ASN D 147 60.68 16.34 9.67
C ASN D 147 60.49 15.78 11.08
N CYS D 148 61.25 16.29 12.05
CA CYS D 148 61.16 15.97 13.50
C CYS D 148 59.73 16.25 13.97
N MET D 149 59.23 17.48 13.75
CA MET D 149 57.84 17.92 14.08
C MET D 149 56.84 16.95 13.44
N ASP D 150 57.13 16.46 12.23
CA ASP D 150 56.23 15.61 11.42
C ASP D 150 56.09 14.22 12.08
N THR D 151 57.19 13.66 12.60
CA THR D 151 57.22 12.33 13.27
C THR D 151 56.45 12.40 14.60
N ILE D 152 56.42 13.57 15.25
CA ILE D 152 55.67 13.80 16.52
C ILE D 152 54.18 13.67 16.23
N ARG D 153 53.71 14.31 15.15
CA ARG D 153 52.28 14.29 14.73
C ARG D 153 51.88 12.86 14.33
N ASN D 154 52.73 12.20 13.52
CA ASN D 154 52.51 10.82 13.01
C ASN D 154 52.52 9.81 14.18
N GLY D 155 53.27 10.10 15.25
CA GLY D 155 53.50 9.19 16.38
C GLY D 155 54.60 8.19 16.10
N THR D 156 55.46 8.47 15.11
CA THR D 156 56.61 7.63 14.68
C THR D 156 57.92 8.20 15.27
N TYR D 157 57.81 9.20 16.15
CA TYR D 157 58.97 9.86 16.83
C TYR D 157 59.56 8.89 17.86
N ASN D 158 60.82 8.52 17.67
CA ASN D 158 61.62 7.68 18.61
C ASN D 158 62.42 8.60 19.53
N HIS D 159 62.10 8.61 20.83
CA HIS D 159 62.66 9.53 21.85
C HIS D 159 64.12 9.19 22.14
N LYS D 160 64.52 7.92 21.94
CA LYS D 160 65.87 7.38 22.29
C LYS D 160 66.95 8.07 21.43
N GLU D 161 66.62 8.45 20.20
CA GLU D 161 67.53 9.08 19.21
C GLU D 161 68.01 10.46 19.70
N TYR D 162 67.15 11.20 20.43
CA TYR D 162 67.42 12.60 20.87
C TYR D 162 67.62 12.67 22.39
N GLU D 163 67.85 11.53 23.04
CA GLU D 163 67.93 11.44 24.52
C GLU D 163 69.15 12.23 25.02
N GLU D 164 70.31 12.02 24.38
CA GLU D 164 71.62 12.60 24.79
C GLU D 164 71.57 14.14 24.72
N GLU D 165 71.20 14.71 23.58
CA GLU D 165 71.23 16.19 23.32
C GLU D 165 70.21 16.90 24.22
N SER D 166 69.13 16.22 24.64
CA SER D 166 68.04 16.78 25.48
C SER D 166 68.51 17.02 26.92
N LYS D 167 69.39 16.15 27.43
CA LYS D 167 69.93 16.20 28.82
C LYS D 167 70.73 17.49 29.03
#